data_3WQC
#
_entry.id   3WQC
#
_cell.length_a   157.689
_cell.length_b   157.689
_cell.length_c   158.784
_cell.angle_alpha   90.00
_cell.angle_beta   90.00
_cell.angle_gamma   90.00
#
_symmetry.space_group_name_H-M   'I 41 2 2'
#
loop_
_entity.id
_entity.type
_entity.pdbx_description
1 polymer 'D-threo-3-hydroxyaspartate dehydratase'
2 non-polymer "PYRIDOXAL-5'-PHOSPHATE"
3 non-polymer 'MAGNESIUM ION'
4 non-polymer GLYCEROL
5 non-polymer 'CHLORIDE ION'
6 water water
#
_entity_poly.entity_id   1
_entity_poly.type   'polypeptide(L)'
_entity_poly.pdbx_seq_one_letter_code
;GHHHHHHAMSMQDTLLTLDTPAAVIDLDRMQRNIARMQQRMDAQGVRLRPHVKTSKSVPVAAAQRAAGASGITVSTLKEA
EQFFAAGTTDILYAVSMAPHRLPQALQLRRRGCDLKLIVDSVAAAQAIAAFGREQGEAFEVWIEIDTDGHRSGVGADDTP
LLLAIGRTLHDGGMRLGGVLTHAGSSYELDTPEALQALAERERAGCVQAAEALRAAGLPCPVVSVGSTPTALAASRLDGV
TEVRAGVYVFFDLVMRNIGVCAAEDVALSVLATVIGHQADKGWAIVDAGWMAMSRDRGTARQKQDFGYGQVCDLQGRVMP
GFVLTGANQEHGILARADGAAEADIATRFPLGTRLRILPNHACATGAQFPAYQALAADGSVQTWERLHGW
;
_entity_poly.pdbx_strand_id   A,B
#
loop_
_chem_comp.id
_chem_comp.type
_chem_comp.name
_chem_comp.formula
CL non-polymer 'CHLORIDE ION' 'Cl -1'
GOL non-polymer GLYCEROL 'C3 H8 O3'
MG non-polymer 'MAGNESIUM ION' 'Mg 2'
PLP non-polymer PYRIDOXAL-5'-PHOSPHATE 'C8 H10 N O6 P'
#
# COMPACT_ATOMS: atom_id res chain seq x y z
N GLN A 12 -31.23 1.89 -2.62
CA GLN A 12 -29.86 2.35 -3.03
C GLN A 12 -28.80 2.10 -1.96
N ASP A 13 -27.58 1.87 -2.39
CA ASP A 13 -26.42 1.94 -1.54
C ASP A 13 -26.07 3.40 -1.28
N THR A 14 -25.70 3.72 -0.04
CA THR A 14 -25.44 5.09 0.36
C THR A 14 -24.28 5.09 1.37
N LEU A 15 -23.83 6.25 1.80
CA LEU A 15 -22.75 6.24 2.83
C LEU A 15 -23.16 5.62 4.19
N LEU A 16 -24.47 5.49 4.47
CA LEU A 16 -24.90 4.83 5.69
C LEU A 16 -24.92 3.34 5.56
N THR A 17 -25.00 2.80 4.32
CA THR A 17 -25.14 1.33 4.12
C THR A 17 -23.85 0.60 3.77
N LEU A 18 -22.86 1.35 3.25
CA LEU A 18 -21.62 0.69 2.83
C LEU A 18 -20.92 0.07 4.04
N ASP A 19 -20.18 -1.01 3.82
CA ASP A 19 -19.24 -1.42 4.86
C ASP A 19 -18.06 -0.42 4.83
N THR A 20 -17.36 -0.36 5.94
CA THR A 20 -16.18 0.49 6.08
C THR A 20 -14.96 -0.38 6.34
N PRO A 21 -13.78 0.09 5.95
CA PRO A 21 -13.55 1.36 5.25
C PRO A 21 -13.91 1.25 3.74
N ALA A 22 -14.17 2.43 3.13
CA ALA A 22 -14.51 2.50 1.69
C ALA A 22 -13.88 3.72 1.16
N ALA A 23 -13.47 3.67 -0.11
CA ALA A 23 -12.90 4.81 -0.81
C ALA A 23 -14.00 5.51 -1.55
N VAL A 24 -14.33 6.73 -1.15
CA VAL A 24 -15.49 7.46 -1.72
C VAL A 24 -15.00 8.58 -2.62
N ILE A 25 -15.51 8.61 -3.85
CA ILE A 25 -15.23 9.75 -4.74
C ILE A 25 -16.51 10.66 -4.70
N ASP A 26 -16.32 11.92 -4.30
CA ASP A 26 -17.43 12.86 -4.45
C ASP A 26 -17.45 13.29 -5.91
N LEU A 27 -18.47 12.83 -6.68
CA LEU A 27 -18.44 13.11 -8.15
C LEU A 27 -18.48 14.59 -8.42
N ASP A 28 -19.24 15.40 -7.69
CA ASP A 28 -19.29 16.86 -8.00
C ASP A 28 -17.91 17.49 -7.79
N ARG A 29 -17.17 17.09 -6.74
CA ARG A 29 -15.81 17.61 -6.57
C ARG A 29 -14.88 17.11 -7.68
N MET A 30 -15.00 15.84 -8.04
CA MET A 30 -14.11 15.31 -9.08
C MET A 30 -14.43 16.10 -10.40
N GLN A 31 -15.70 16.33 -10.75
CA GLN A 31 -16.01 17.03 -12.01
C GLN A 31 -15.40 18.45 -11.94
N ARG A 32 -15.43 19.12 -10.76
CA ARG A 32 -14.88 20.48 -10.69
C ARG A 32 -13.38 20.38 -10.98
N ASN A 33 -12.68 19.37 -10.39
CA ASN A 33 -11.21 19.25 -10.57
C ASN A 33 -10.90 18.95 -12.06
N ILE A 34 -11.69 18.11 -12.67
CA ILE A 34 -11.52 17.77 -14.09
C ILE A 34 -11.69 19.04 -14.96
N ALA A 35 -12.76 19.82 -14.71
CA ALA A 35 -12.99 21.08 -15.48
C ALA A 35 -11.87 22.08 -15.26
N ARG A 36 -11.40 22.23 -13.99
CA ARG A 36 -10.37 23.23 -13.71
C ARG A 36 -9.09 22.96 -14.50
N MET A 37 -8.66 21.69 -14.53
CA MET A 37 -7.43 21.32 -15.22
C MET A 37 -7.61 21.46 -16.73
N GLN A 38 -8.69 20.96 -17.26
CA GLN A 38 -8.85 20.98 -18.75
C GLN A 38 -8.96 22.48 -19.16
N GLN A 39 -9.69 23.34 -18.41
CA GLN A 39 -9.80 24.71 -18.81
C GLN A 39 -8.42 25.43 -18.76
N ARG A 40 -7.57 25.08 -17.80
CA ARG A 40 -6.24 25.64 -17.76
C ARG A 40 -5.37 25.19 -18.96
N MET A 41 -5.44 23.91 -19.34
CA MET A 41 -4.69 23.44 -20.49
C MET A 41 -5.18 24.09 -21.76
N ASP A 42 -6.49 24.19 -21.92
CA ASP A 42 -7.01 24.92 -23.08
C ASP A 42 -6.50 26.41 -23.13
N ALA A 43 -6.48 27.06 -21.98
CA ALA A 43 -5.99 28.46 -21.91
C ALA A 43 -4.51 28.54 -22.35
N GLN A 44 -3.73 27.48 -22.07
CA GLN A 44 -2.28 27.41 -22.39
C GLN A 44 -2.03 26.93 -23.83
N GLY A 45 -3.09 26.52 -24.53
CA GLY A 45 -2.98 25.94 -25.90
C GLY A 45 -2.29 24.56 -25.99
N VAL A 46 -2.43 23.72 -24.96
CA VAL A 46 -1.78 22.44 -24.99
C VAL A 46 -2.87 21.35 -24.76
N ARG A 47 -2.58 20.11 -25.24
CA ARG A 47 -3.42 18.93 -24.97
CA ARG A 47 -3.42 18.92 -24.98
C ARG A 47 -3.21 18.51 -23.52
N LEU A 48 -4.24 17.86 -22.96
CA LEU A 48 -4.08 17.25 -21.61
C LEU A 48 -4.07 15.73 -21.82
N ARG A 49 -2.99 15.08 -21.35
CA ARG A 49 -2.90 13.61 -21.42
C ARG A 49 -2.87 13.11 -19.94
N PRO A 50 -4.09 12.85 -19.40
CA PRO A 50 -4.13 12.57 -17.95
C PRO A 50 -3.32 11.29 -17.63
N HIS A 51 -2.74 11.33 -16.43
CA HIS A 51 -2.02 10.19 -15.95
C HIS A 51 -2.97 9.33 -15.07
N VAL A 52 -3.35 8.15 -15.55
CA VAL A 52 -4.33 7.35 -14.87
C VAL A 52 -3.71 6.57 -13.70
N LYS A 53 -2.41 6.72 -13.41
CA LYS A 53 -1.86 5.93 -12.29
C LYS A 53 -2.56 6.34 -10.96
N THR A 54 -3.19 7.50 -10.90
CA THR A 54 -3.83 7.93 -9.64
C THR A 54 -5.09 7.08 -9.40
N SER A 55 -5.91 6.83 -10.42
CA SER A 55 -7.20 6.14 -10.18
C SER A 55 -7.20 4.72 -10.68
N LYS A 56 -6.52 4.44 -11.83
CA LYS A 56 -6.59 3.13 -12.50
C LYS A 56 -8.05 2.66 -12.66
N SER A 57 -8.94 3.62 -13.02
CA SER A 57 -10.36 3.26 -13.04
C SER A 57 -10.95 3.79 -14.37
N VAL A 58 -11.56 2.86 -15.11
CA VAL A 58 -12.14 3.23 -16.44
C VAL A 58 -13.15 4.41 -16.40
N PRO A 59 -14.09 4.44 -15.41
CA PRO A 59 -15.03 5.56 -15.41
C PRO A 59 -14.42 6.91 -15.04
N VAL A 60 -13.31 6.87 -14.26
CA VAL A 60 -12.68 8.13 -13.90
C VAL A 60 -12.04 8.69 -15.22
N ALA A 61 -11.26 7.84 -15.89
CA ALA A 61 -10.58 8.28 -17.13
C ALA A 61 -11.69 8.64 -18.16
N ALA A 62 -12.83 7.96 -18.20
CA ALA A 62 -13.90 8.35 -19.13
C ALA A 62 -14.36 9.79 -18.86
N ALA A 63 -14.46 10.18 -17.60
CA ALA A 63 -14.89 11.51 -17.30
C ALA A 63 -13.83 12.51 -17.73
N GLN A 64 -12.53 12.15 -17.58
CA GLN A 64 -11.44 13.03 -18.04
C GLN A 64 -11.52 13.16 -19.57
N ARG A 65 -11.73 12.06 -20.28
CA ARG A 65 -11.85 12.13 -21.78
C ARG A 65 -13.07 12.96 -22.17
N ALA A 66 -14.20 12.81 -21.48
CA ALA A 66 -15.41 13.55 -21.88
C ALA A 66 -15.20 15.05 -21.78
N ALA A 67 -14.37 15.48 -20.83
CA ALA A 67 -14.08 16.89 -20.62
C ALA A 67 -13.07 17.48 -21.65
N GLY A 68 -12.45 16.60 -22.43
CA GLY A 68 -11.57 17.08 -23.51
C GLY A 68 -10.14 16.52 -23.49
N ALA A 69 -9.84 15.52 -22.61
CA ALA A 69 -8.48 14.98 -22.55
C ALA A 69 -8.15 14.25 -23.88
N SER A 70 -6.84 14.15 -24.21
CA SER A 70 -6.36 13.51 -25.47
C SER A 70 -5.40 12.39 -25.04
N GLY A 71 -5.83 11.14 -25.11
CA GLY A 71 -5.04 10.00 -24.74
C GLY A 71 -4.79 9.94 -23.21
N ILE A 72 -4.06 8.94 -22.77
CA ILE A 72 -3.71 8.81 -21.35
C ILE A 72 -2.22 8.47 -21.21
N THR A 73 -1.73 8.62 -19.99
CA THR A 73 -0.41 8.13 -19.58
C THR A 73 -0.67 7.03 -18.54
N VAL A 74 0.14 5.98 -18.60
CA VAL A 74 0.01 4.84 -17.67
C VAL A 74 1.37 4.58 -17.02
N SER A 75 1.36 3.97 -15.83
CA SER A 75 2.56 3.67 -15.09
C SER A 75 3.01 2.20 -15.18
N THR A 76 2.19 1.35 -15.78
CA THR A 76 2.47 -0.08 -15.91
C THR A 76 1.81 -0.55 -17.22
N LEU A 77 2.30 -1.67 -17.75
CA LEU A 77 1.61 -2.28 -18.93
C LEU A 77 0.27 -2.90 -18.54
N LYS A 78 0.10 -3.26 -17.24
CA LYS A 78 -1.22 -3.77 -16.82
C LYS A 78 -2.28 -2.70 -17.05
N GLU A 79 -1.94 -1.44 -16.70
CA GLU A 79 -2.87 -0.36 -16.99
C GLU A 79 -3.12 -0.24 -18.51
N ALA A 80 -2.05 -0.33 -19.31
CA ALA A 80 -2.28 -0.25 -20.75
C ALA A 80 -3.22 -1.34 -21.21
N GLU A 81 -3.08 -2.56 -20.71
CA GLU A 81 -4.01 -3.67 -21.06
C GLU A 81 -5.47 -3.35 -20.68
N GLN A 82 -5.65 -2.83 -19.45
CA GLN A 82 -6.98 -2.49 -18.96
C GLN A 82 -7.68 -1.45 -19.77
N PHE A 83 -6.97 -0.33 -20.00
CA PHE A 83 -7.56 0.75 -20.70
C PHE A 83 -7.75 0.43 -22.20
N PHE A 84 -6.82 -0.30 -22.80
CA PHE A 84 -7.02 -0.73 -24.20
C PHE A 84 -8.25 -1.64 -24.24
N ALA A 85 -8.43 -2.58 -23.28
CA ALA A 85 -9.65 -3.49 -23.33
C ALA A 85 -10.89 -2.69 -23.24
N ALA A 86 -10.85 -1.43 -22.69
CA ALA A 86 -11.99 -0.49 -22.54
C ALA A 86 -12.15 0.47 -23.72
N GLY A 87 -11.27 0.37 -24.73
CA GLY A 87 -11.43 1.16 -25.93
C GLY A 87 -10.47 2.34 -26.03
N THR A 88 -9.53 2.48 -25.09
CA THR A 88 -8.57 3.63 -25.19
C THR A 88 -7.31 3.13 -25.92
N THR A 89 -6.91 3.82 -27.00
CA THR A 89 -5.79 3.31 -27.80
C THR A 89 -4.56 4.22 -27.75
N ASP A 90 -4.73 5.48 -27.35
CA ASP A 90 -3.63 6.45 -27.38
C ASP A 90 -2.99 6.45 -25.99
N ILE A 91 -1.99 5.56 -25.79
CA ILE A 91 -1.48 5.25 -24.42
C ILE A 91 0.02 5.49 -24.41
N LEU A 92 0.49 6.32 -23.46
CA LEU A 92 1.91 6.53 -23.23
C LEU A 92 2.35 5.77 -21.97
N TYR A 93 3.31 4.84 -22.05
CA TYR A 93 3.79 4.10 -20.86
C TYR A 93 5.00 4.88 -20.39
N ALA A 94 4.80 5.73 -19.35
CA ALA A 94 5.81 6.77 -19.00
C ALA A 94 6.70 6.25 -17.84
N VAL A 95 7.35 5.09 -18.02
CA VAL A 95 8.35 4.53 -17.12
C VAL A 95 9.43 3.99 -18.03
N SER A 96 10.72 4.28 -17.76
CA SER A 96 11.82 3.82 -18.60
C SER A 96 11.57 2.36 -19.02
N MET A 97 11.62 2.06 -20.33
CA MET A 97 11.19 0.73 -20.77
C MET A 97 12.22 -0.33 -20.39
N ALA A 98 11.79 -1.44 -19.76
CA ALA A 98 12.62 -2.58 -19.51
C ALA A 98 12.59 -3.53 -20.74
N PRO A 99 13.81 -3.86 -21.28
CA PRO A 99 13.80 -4.73 -22.50
C PRO A 99 13.00 -6.02 -22.34
N HIS A 100 12.96 -6.59 -21.12
CA HIS A 100 12.21 -7.84 -20.98
C HIS A 100 10.71 -7.67 -21.20
N ARG A 101 10.17 -6.45 -21.09
CA ARG A 101 8.75 -6.23 -21.36
C ARG A 101 8.46 -5.97 -22.81
N LEU A 102 9.49 -6.00 -23.69
CA LEU A 102 9.21 -5.74 -25.13
C LEU A 102 8.17 -6.72 -25.75
N PRO A 103 8.24 -8.06 -25.42
CA PRO A 103 7.17 -8.90 -26.02
C PRO A 103 5.77 -8.43 -25.66
N GLN A 104 5.56 -7.98 -24.40
CA GLN A 104 4.25 -7.51 -23.96
CA GLN A 104 4.23 -7.54 -24.03
C GLN A 104 3.85 -6.23 -24.71
N ALA A 105 4.83 -5.32 -24.90
CA ALA A 105 4.55 -4.08 -25.64
C ALA A 105 4.23 -4.42 -27.10
N LEU A 106 4.99 -5.32 -27.71
CA LEU A 106 4.74 -5.71 -29.11
C LEU A 106 3.34 -6.26 -29.27
N GLN A 107 2.91 -7.15 -28.36
CA GLN A 107 1.63 -7.76 -28.51
C GLN A 107 0.53 -6.70 -28.39
N LEU A 108 0.66 -5.72 -27.47
CA LEU A 108 -0.31 -4.63 -27.41
C LEU A 108 -0.38 -3.86 -28.73
N ARG A 109 0.78 -3.49 -29.29
CA ARG A 109 0.78 -2.75 -30.57
C ARG A 109 0.12 -3.60 -31.68
N ARG A 110 0.47 -4.88 -31.77
CA ARG A 110 -0.09 -5.76 -32.86
C ARG A 110 -1.62 -5.95 -32.71
N ARG A 111 -2.11 -5.81 -31.44
CA ARG A 111 -3.54 -5.85 -31.20
C ARG A 111 -4.26 -4.55 -31.58
N GLY A 112 -3.51 -3.46 -31.85
CA GLY A 112 -4.12 -2.17 -32.21
C GLY A 112 -3.96 -1.08 -31.19
N CYS A 113 -3.21 -1.34 -30.10
CA CYS A 113 -3.02 -0.24 -29.13
C CYS A 113 -1.88 0.66 -29.63
N ASP A 114 -2.09 1.96 -29.67
CA ASP A 114 -1.03 2.89 -30.14
C ASP A 114 -0.12 3.24 -28.92
N LEU A 115 0.57 2.21 -28.43
CA LEU A 115 1.32 2.27 -27.19
C LEU A 115 2.70 2.90 -27.47
N LYS A 116 3.01 3.93 -26.70
CA LYS A 116 4.28 4.67 -26.80
C LYS A 116 5.16 4.29 -25.63
N LEU A 117 6.48 4.13 -25.86
CA LEU A 117 7.43 3.77 -24.83
C LEU A 117 8.38 4.93 -24.64
N ILE A 118 9.11 4.93 -23.52
CA ILE A 118 10.11 5.96 -23.24
C ILE A 118 11.42 5.34 -22.87
N VAL A 119 12.50 6.08 -23.15
CA VAL A 119 13.85 5.58 -22.75
C VAL A 119 14.70 6.82 -22.39
N ASP A 120 15.83 6.55 -21.71
CA ASP A 120 16.79 7.63 -21.41
C ASP A 120 18.19 7.12 -21.51
N SER A 121 18.41 5.98 -22.21
CA SER A 121 19.76 5.46 -22.37
C SER A 121 19.95 4.87 -23.77
N VAL A 122 21.19 4.89 -24.24
CA VAL A 122 21.53 4.20 -25.50
C VAL A 122 21.24 2.72 -25.42
N ALA A 123 21.56 2.05 -24.30
CA ALA A 123 21.30 0.58 -24.25
C ALA A 123 19.82 0.26 -24.36
N ALA A 124 18.96 1.05 -23.69
CA ALA A 124 17.51 0.73 -23.79
C ALA A 124 17.03 1.02 -25.26
N ALA A 125 17.53 2.11 -25.86
CA ALA A 125 17.13 2.43 -27.23
C ALA A 125 17.59 1.34 -28.22
N GLN A 126 18.82 0.80 -27.99
CA GLN A 126 19.33 -0.28 -28.88
C GLN A 126 18.50 -1.55 -28.74
N ALA A 127 18.07 -1.85 -27.49
CA ALA A 127 17.28 -3.09 -27.26
C ALA A 127 15.93 -2.96 -28.01
N ILE A 128 15.28 -1.79 -27.85
CA ILE A 128 14.00 -1.58 -28.58
C ILE A 128 14.17 -1.67 -30.10
N ALA A 129 15.18 -0.93 -30.60
CA ALA A 129 15.37 -0.89 -32.07
C ALA A 129 15.71 -2.29 -32.66
N ALA A 130 16.55 -3.06 -31.96
CA ALA A 130 16.95 -4.40 -32.41
C ALA A 130 15.73 -5.35 -32.43
N PHE A 131 14.94 -5.27 -31.35
CA PHE A 131 13.75 -6.13 -31.29
C PHE A 131 12.75 -5.71 -32.33
N GLY A 132 12.55 -4.40 -32.49
CA GLY A 132 11.56 -3.89 -33.49
C GLY A 132 11.89 -4.34 -34.92
N ARG A 133 13.14 -4.22 -35.28
CA ARG A 133 13.57 -4.73 -36.59
C ARG A 133 13.39 -6.22 -36.76
N GLU A 134 13.79 -6.99 -35.75
CA GLU A 134 13.52 -8.46 -35.81
C GLU A 134 12.01 -8.81 -36.00
N GLN A 135 11.13 -8.07 -35.33
CA GLN A 135 9.72 -8.44 -35.25
C GLN A 135 8.86 -7.65 -36.26
N GLY A 136 9.53 -6.77 -37.00
CA GLY A 136 8.85 -5.94 -38.00
C GLY A 136 7.99 -4.84 -37.40
N GLU A 137 8.48 -4.20 -36.31
CA GLU A 137 7.63 -3.27 -35.57
C GLU A 137 8.39 -1.98 -35.42
N ALA A 138 7.85 -0.88 -35.95
CA ALA A 138 8.46 0.43 -35.73
C ALA A 138 7.84 0.99 -34.45
N PHE A 139 8.39 0.58 -33.31
CA PHE A 139 7.97 1.11 -32.00
C PHE A 139 8.08 2.64 -31.95
N GLU A 140 7.06 3.30 -31.39
CA GLU A 140 7.14 4.74 -31.16
C GLU A 140 7.77 4.92 -29.78
N VAL A 141 8.86 5.69 -29.72
CA VAL A 141 9.64 5.83 -28.50
C VAL A 141 9.89 7.31 -28.31
N TRP A 142 9.68 7.78 -27.06
CA TRP A 142 10.01 9.17 -26.69
C TRP A 142 11.22 9.16 -25.79
N ILE A 143 11.95 10.30 -25.77
CA ILE A 143 13.19 10.32 -24.94
C ILE A 143 12.83 11.11 -23.69
N GLU A 144 13.08 10.49 -22.55
CA GLU A 144 12.80 11.20 -21.28
C GLU A 144 13.96 12.16 -20.91
N ILE A 145 13.62 13.38 -20.53
CA ILE A 145 14.58 14.44 -20.23
C ILE A 145 14.46 14.76 -18.70
N ASP A 146 15.62 14.85 -18.02
CA ASP A 146 15.70 15.18 -16.61
C ASP A 146 15.87 16.70 -16.56
N THR A 147 14.82 17.41 -16.24
CA THR A 147 14.87 18.88 -16.13
C THR A 147 15.09 19.46 -14.73
N ASP A 148 15.05 18.59 -13.70
CA ASP A 148 15.06 19.10 -12.33
C ASP A 148 15.81 18.22 -11.29
N GLY A 149 16.45 17.16 -11.76
CA GLY A 149 17.22 16.16 -10.97
C GLY A 149 16.35 15.26 -10.12
N HIS A 150 15.05 15.11 -10.45
CA HIS A 150 14.15 14.35 -9.59
C HIS A 150 14.33 12.85 -9.71
N ARG A 151 14.50 12.37 -10.94
CA ARG A 151 14.31 10.92 -11.14
C ARG A 151 15.03 10.46 -12.44
N SER A 152 14.31 9.96 -13.45
CA SER A 152 14.91 9.45 -14.69
C SER A 152 15.16 10.57 -15.68
N GLY A 153 15.92 10.17 -16.75
CA GLY A 153 16.00 11.14 -17.86
C GLY A 153 17.39 11.58 -18.23
N VAL A 154 17.54 11.97 -19.50
CA VAL A 154 18.77 12.56 -20.06
C VAL A 154 18.85 13.96 -19.54
N GLY A 155 20.00 14.32 -18.97
CA GLY A 155 20.08 15.64 -18.45
C GLY A 155 19.75 16.68 -19.54
N ALA A 156 19.02 17.72 -19.17
CA ALA A 156 18.64 18.80 -20.10
C ALA A 156 19.88 19.45 -20.76
N ASP A 157 21.07 19.36 -20.13
CA ASP A 157 22.32 19.88 -20.69
C ASP A 157 23.08 18.84 -21.52
N ASP A 158 22.64 17.57 -21.49
CA ASP A 158 23.53 16.53 -21.97
C ASP A 158 23.20 16.19 -23.43
N THR A 159 23.54 17.12 -24.31
CA THR A 159 23.23 16.99 -25.73
C THR A 159 23.84 15.75 -26.37
N PRO A 160 25.09 15.40 -26.02
CA PRO A 160 25.63 14.23 -26.74
C PRO A 160 24.83 12.96 -26.44
N LEU A 161 24.39 12.79 -25.18
CA LEU A 161 23.59 11.61 -24.84
C LEU A 161 22.21 11.67 -25.57
N LEU A 162 21.57 12.83 -25.53
CA LEU A 162 20.29 13.06 -26.22
C LEU A 162 20.36 12.65 -27.71
N LEU A 163 21.37 13.20 -28.42
CA LEU A 163 21.55 12.89 -29.86
C LEU A 163 21.91 11.41 -30.09
N ALA A 164 22.72 10.81 -29.21
CA ALA A 164 23.09 9.38 -29.39
C ALA A 164 21.84 8.51 -29.30
N ILE A 165 20.93 8.82 -28.36
CA ILE A 165 19.69 8.06 -28.25
C ILE A 165 18.80 8.33 -29.46
N GLY A 166 18.61 9.61 -29.79
CA GLY A 166 17.76 10.02 -30.92
C GLY A 166 18.26 9.28 -32.20
N ARG A 167 19.59 9.24 -32.46
CA ARG A 167 20.06 8.56 -33.67
CA ARG A 167 20.16 8.55 -33.63
C ARG A 167 19.90 7.05 -33.56
N THR A 168 20.08 6.45 -32.36
CA THR A 168 19.88 5.00 -32.25
C THR A 168 18.44 4.67 -32.70
N LEU A 169 17.46 5.44 -32.17
CA LEU A 169 16.06 5.16 -32.49
C LEU A 169 15.74 5.41 -33.96
N HIS A 170 16.13 6.60 -34.47
CA HIS A 170 15.69 7.02 -35.82
C HIS A 170 16.48 6.22 -36.85
N ASP A 171 17.79 6.09 -36.67
CA ASP A 171 18.60 5.30 -37.67
C ASP A 171 18.29 3.80 -37.58
N GLY A 172 17.78 3.35 -36.40
CA GLY A 172 17.43 1.94 -36.17
C GLY A 172 16.04 1.56 -36.66
N GLY A 173 15.32 2.48 -37.30
CA GLY A 173 14.00 2.19 -37.93
C GLY A 173 12.76 2.38 -37.05
N MET A 174 12.97 2.99 -35.87
CA MET A 174 11.90 3.17 -34.93
C MET A 174 11.36 4.57 -35.14
N ARG A 175 10.21 4.83 -34.53
CA ARG A 175 9.59 6.13 -34.63
C ARG A 175 9.96 6.97 -33.43
N LEU A 176 10.84 7.96 -33.60
CA LEU A 176 11.18 8.89 -32.56
C LEU A 176 10.07 9.88 -32.42
N GLY A 177 9.22 9.70 -31.38
CA GLY A 177 7.96 10.42 -31.40
C GLY A 177 7.95 11.73 -30.64
N GLY A 178 8.99 11.98 -29.81
CA GLY A 178 8.88 13.18 -28.96
C GLY A 178 9.89 13.12 -27.82
N VAL A 179 9.83 14.15 -26.96
CA VAL A 179 10.57 14.19 -25.68
C VAL A 179 9.54 14.44 -24.59
N LEU A 180 9.86 13.95 -23.36
CA LEU A 180 8.93 14.24 -22.26
C LEU A 180 9.79 14.52 -21.03
N THR A 181 9.17 15.24 -20.09
CA THR A 181 9.83 15.41 -18.79
C THR A 181 8.75 15.44 -17.72
N HIS A 182 9.15 15.12 -16.49
CA HIS A 182 8.26 15.20 -15.32
C HIS A 182 9.02 15.90 -14.22
N ALA A 183 8.60 17.15 -13.89
CA ALA A 183 9.38 17.92 -12.90
C ALA A 183 8.79 17.54 -11.50
N GLY A 184 9.02 16.32 -11.07
CA GLY A 184 8.44 15.82 -9.82
C GLY A 184 9.04 16.48 -8.59
N SER A 185 10.17 17.24 -8.72
CA SER A 185 10.65 17.97 -7.56
C SER A 185 9.65 19.09 -7.18
N SER A 186 8.64 19.34 -8.01
CA SER A 186 7.56 20.33 -7.63
C SER A 186 6.91 19.96 -6.29
N TYR A 187 6.96 18.69 -5.90
CA TYR A 187 6.26 18.30 -4.67
C TYR A 187 7.02 18.76 -3.44
N GLU A 188 8.24 19.26 -3.61
CA GLU A 188 9.01 19.81 -2.44
C GLU A 188 8.71 21.33 -2.24
N LEU A 189 7.98 21.96 -3.14
CA LEU A 189 7.69 23.40 -3.10
C LEU A 189 6.40 23.72 -2.49
N ASP A 190 6.23 24.96 -2.11
CA ASP A 190 5.03 25.38 -1.43
C ASP A 190 4.74 26.86 -1.61
N THR A 191 5.22 27.49 -2.69
CA THR A 191 4.87 28.91 -2.97
C THR A 191 4.61 29.02 -4.48
N PRO A 192 3.72 29.95 -4.89
CA PRO A 192 3.42 30.13 -6.28
C PRO A 192 4.68 30.57 -7.06
N GLU A 193 5.52 31.44 -6.50
CA GLU A 193 6.73 31.91 -7.24
C GLU A 193 7.68 30.73 -7.54
N ALA A 194 7.90 29.83 -6.56
CA ALA A 194 8.82 28.76 -6.79
C ALA A 194 8.21 27.78 -7.79
N LEU A 195 6.91 27.47 -7.67
CA LEU A 195 6.27 26.56 -8.66
C LEU A 195 6.29 27.13 -10.05
N GLN A 196 5.99 28.42 -10.18
CA GLN A 196 6.00 29.05 -11.53
C GLN A 196 7.46 28.96 -12.13
N ALA A 197 8.47 29.16 -11.30
CA ALA A 197 9.90 29.15 -11.78
C ALA A 197 10.28 27.74 -12.20
N LEU A 198 9.88 26.73 -11.43
CA LEU A 198 10.19 25.32 -11.76
C LEU A 198 9.39 24.94 -13.01
N ALA A 199 8.15 25.39 -13.15
CA ALA A 199 7.36 25.07 -14.38
C ALA A 199 8.06 25.61 -15.63
N GLU A 200 8.70 26.79 -15.48
CA GLU A 200 9.40 27.43 -16.62
C GLU A 200 10.70 26.65 -16.95
N ARG A 201 11.39 26.16 -15.92
CA ARG A 201 12.59 25.35 -16.05
C ARG A 201 12.24 24.04 -16.73
N GLU A 202 11.09 23.42 -16.34
CA GLU A 202 10.62 22.21 -16.94
C GLU A 202 10.30 22.44 -18.43
N ARG A 203 9.50 23.46 -18.72
CA ARG A 203 9.16 23.84 -20.12
C ARG A 203 10.46 24.07 -20.93
N ALA A 204 11.34 24.91 -20.40
CA ALA A 204 12.51 25.31 -21.19
C ALA A 204 13.44 24.15 -21.48
N GLY A 205 13.60 23.28 -20.49
CA GLY A 205 14.47 22.11 -20.61
C GLY A 205 13.93 21.14 -21.66
N CYS A 206 12.62 20.87 -21.60
CA CYS A 206 12.04 19.93 -22.54
C CYS A 206 12.07 20.52 -23.97
N VAL A 207 11.67 21.77 -24.12
CA VAL A 207 11.73 22.44 -25.44
C VAL A 207 13.16 22.52 -26.03
N GLN A 208 14.13 22.75 -25.15
CA GLN A 208 15.55 22.78 -25.56
C GLN A 208 15.97 21.40 -26.13
N ALA A 209 15.59 20.30 -25.49
CA ALA A 209 15.90 18.96 -26.01
C ALA A 209 15.25 18.76 -27.39
N ALA A 210 13.97 19.17 -27.52
CA ALA A 210 13.24 19.01 -28.81
C ALA A 210 14.06 19.79 -29.90
N GLU A 211 14.42 21.05 -29.59
CA GLU A 211 15.13 21.89 -30.56
C GLU A 211 16.47 21.28 -30.97
N ALA A 212 17.19 20.69 -29.99
CA ALA A 212 18.50 20.01 -30.25
C ALA A 212 18.32 18.81 -31.19
N LEU A 213 17.26 18.02 -30.96
CA LEU A 213 16.97 16.89 -31.85
C LEU A 213 16.70 17.39 -33.26
N ARG A 214 15.83 18.39 -33.37
CA ARG A 214 15.42 18.93 -34.67
C ARG A 214 16.61 19.57 -35.38
N ALA A 215 17.47 20.26 -34.62
CA ALA A 215 18.63 20.91 -35.22
C ALA A 215 19.59 19.82 -35.78
N ALA A 216 19.54 18.62 -35.17
CA ALA A 216 20.32 17.45 -35.65
C ALA A 216 19.63 16.66 -36.81
N GLY A 217 18.54 17.22 -37.35
CA GLY A 217 17.76 16.58 -38.40
C GLY A 217 16.95 15.39 -37.90
N LEU A 218 16.68 15.29 -36.59
CA LEU A 218 15.87 14.14 -36.06
C LEU A 218 14.42 14.58 -35.82
N PRO A 219 13.44 13.65 -36.01
CA PRO A 219 12.06 14.07 -35.77
C PRO A 219 11.81 14.23 -34.26
N CYS A 220 11.00 15.23 -33.87
CA CYS A 220 10.58 15.31 -32.47
C CYS A 220 9.20 15.99 -32.41
N PRO A 221 8.10 15.30 -32.85
CA PRO A 221 6.83 16.09 -33.00
C PRO A 221 6.17 16.41 -31.67
N VAL A 222 6.39 15.62 -30.62
CA VAL A 222 5.71 15.90 -29.35
C VAL A 222 6.70 16.44 -28.32
N VAL A 223 6.25 17.45 -27.55
CA VAL A 223 7.01 17.93 -26.42
C VAL A 223 6.03 17.82 -25.23
N SER A 224 6.31 16.93 -24.28
CA SER A 224 5.28 16.59 -23.23
C SER A 224 5.87 16.91 -21.84
N VAL A 225 5.25 17.76 -21.04
CA VAL A 225 5.75 18.08 -19.70
C VAL A 225 4.68 17.69 -18.69
N GLY A 226 5.03 17.70 -17.39
CA GLY A 226 3.94 17.88 -16.40
C GLY A 226 4.15 17.22 -15.07
N SER A 227 3.58 17.87 -14.10
CA SER A 227 3.21 17.26 -12.81
C SER A 227 2.00 18.12 -12.46
N THR A 228 1.16 17.72 -11.49
CA THR A 228 -0.03 18.54 -11.23
C THR A 228 0.37 19.99 -10.77
N PRO A 229 1.35 20.12 -9.85
CA PRO A 229 1.65 21.48 -9.38
C PRO A 229 2.22 22.39 -10.51
N THR A 230 3.08 21.84 -11.38
CA THR A 230 3.61 22.70 -12.47
C THR A 230 2.56 22.91 -13.54
N ALA A 231 1.65 21.91 -13.76
CA ALA A 231 0.58 22.13 -14.72
C ALA A 231 -0.29 23.31 -14.29
N LEU A 232 -0.59 23.41 -12.99
CA LEU A 232 -1.43 24.49 -12.49
C LEU A 232 -0.71 25.79 -12.30
N ALA A 233 0.60 25.78 -12.19
CA ALA A 233 1.39 27.01 -11.91
C ALA A 233 2.09 27.66 -13.16
N ALA A 234 2.26 26.90 -14.23
CA ALA A 234 3.01 27.42 -15.36
C ALA A 234 2.39 28.70 -15.90
N SER A 235 3.20 29.74 -16.12
CA SER A 235 2.61 30.94 -16.69
C SER A 235 2.41 30.90 -18.18
N ARG A 236 3.30 30.19 -18.89
CA ARG A 236 3.18 30.03 -20.35
CA ARG A 236 3.23 30.03 -20.35
C ARG A 236 3.79 28.67 -20.72
N LEU A 237 3.33 28.09 -21.82
CA LEU A 237 3.84 26.77 -22.26
C LEU A 237 4.25 26.78 -23.75
N ASP A 238 4.93 27.85 -24.20
CA ASP A 238 5.41 27.90 -25.62
C ASP A 238 6.25 26.69 -25.90
N GLY A 239 6.05 26.10 -27.07
CA GLY A 239 6.82 24.97 -27.53
C GLY A 239 6.35 23.65 -27.00
N VAL A 240 5.36 23.65 -26.08
CA VAL A 240 4.91 22.37 -25.48
C VAL A 240 3.68 21.88 -26.28
N THR A 241 3.55 20.58 -26.49
CA THR A 241 2.37 20.11 -27.21
CA THR A 241 2.42 20.02 -27.21
C THR A 241 1.34 19.55 -26.20
N GLU A 242 1.76 18.97 -25.06
CA GLU A 242 0.78 18.31 -24.15
C GLU A 242 1.35 18.44 -22.73
N VAL A 243 0.42 18.37 -21.78
CA VAL A 243 0.77 18.31 -20.37
C VAL A 243 0.18 17.05 -19.81
N ARG A 244 0.96 16.41 -18.93
CA ARG A 244 0.49 15.16 -18.28
C ARG A 244 0.27 15.52 -16.82
N ALA A 245 -0.92 15.19 -16.30
CA ALA A 245 -1.17 15.46 -14.86
C ALA A 245 -2.14 14.36 -14.42
N GLY A 246 -2.04 13.92 -13.17
CA GLY A 246 -2.88 12.78 -12.70
C GLY A 246 -3.56 13.01 -11.37
N VAL A 247 -2.79 13.49 -10.34
CA VAL A 247 -3.41 13.47 -9.01
C VAL A 247 -4.48 14.53 -8.90
N TYR A 248 -4.46 15.57 -9.75
CA TYR A 248 -5.46 16.65 -9.68
C TYR A 248 -6.90 16.11 -9.76
N VAL A 249 -7.15 14.93 -10.40
CA VAL A 249 -8.51 14.46 -10.58
C VAL A 249 -9.20 14.40 -9.17
N PHE A 250 -8.42 13.99 -8.13
CA PHE A 250 -8.99 13.95 -6.78
C PHE A 250 -8.38 15.01 -5.89
N PHE A 251 -7.11 15.41 -6.11
CA PHE A 251 -6.34 16.16 -5.12
C PHE A 251 -6.21 15.40 -3.78
N ASP A 252 -5.43 15.99 -2.86
CA ASP A 252 -5.09 15.32 -1.59
C ASP A 252 -4.43 16.35 -0.69
N LEU A 253 -4.02 15.94 0.52
CA LEU A 253 -3.52 16.95 1.47
C LEU A 253 -2.09 17.37 1.10
N VAL A 254 -1.28 16.49 0.46
CA VAL A 254 0.03 16.96 -0.02
C VAL A 254 -0.19 18.11 -1.02
N MET A 255 -1.16 17.98 -1.93
CA MET A 255 -1.46 19.05 -2.89
CA MET A 255 -1.38 19.07 -2.88
C MET A 255 -1.91 20.31 -2.19
N ARG A 256 -2.75 20.16 -1.16
CA ARG A 256 -3.24 21.33 -0.39
C ARG A 256 -2.04 22.06 0.19
N ASN A 257 -1.08 21.33 0.75
CA ASN A 257 0.10 21.97 1.39
C ASN A 257 0.98 22.63 0.31
N ILE A 258 1.12 22.00 -0.85
CA ILE A 258 1.91 22.64 -1.94
C ILE A 258 1.25 23.94 -2.34
N GLY A 259 -0.09 24.07 -2.20
CA GLY A 259 -0.81 25.32 -2.38
C GLY A 259 -1.60 25.34 -3.63
N VAL A 260 -1.78 24.17 -4.26
CA VAL A 260 -2.51 24.18 -5.56
C VAL A 260 -3.98 23.81 -5.41
N CYS A 261 -4.43 23.50 -4.18
CA CYS A 261 -5.87 23.29 -3.97
C CYS A 261 -6.14 23.61 -2.50
N ALA A 262 -7.42 23.55 -2.16
CA ALA A 262 -7.90 23.67 -0.75
C ALA A 262 -8.32 22.27 -0.30
N ALA A 263 -8.39 22.05 1.04
CA ALA A 263 -8.88 20.76 1.55
C ALA A 263 -10.30 20.42 1.01
N GLU A 264 -11.13 21.43 0.86
CA GLU A 264 -12.50 21.29 0.38
C GLU A 264 -12.54 20.83 -1.09
N ASP A 265 -11.42 20.89 -1.84
CA ASP A 265 -11.38 20.44 -3.22
C ASP A 265 -11.06 18.95 -3.33
N VAL A 266 -10.67 18.33 -2.22
CA VAL A 266 -10.25 16.94 -2.29
C VAL A 266 -11.47 16.03 -2.45
N ALA A 267 -11.46 15.26 -3.57
CA ALA A 267 -12.64 14.53 -3.96
C ALA A 267 -12.62 13.11 -3.48
N LEU A 268 -11.50 12.64 -2.95
CA LEU A 268 -11.40 11.24 -2.48
C LEU A 268 -11.30 11.26 -0.94
N SER A 269 -12.14 10.48 -0.30
CA SER A 269 -12.05 10.35 1.18
C SER A 269 -12.32 8.91 1.50
N VAL A 270 -11.84 8.51 2.69
CA VAL A 270 -12.04 7.13 3.18
C VAL A 270 -13.13 7.14 4.25
N LEU A 271 -14.24 6.50 3.94
CA LEU A 271 -15.35 6.36 4.92
C LEU A 271 -14.88 5.35 5.97
N ALA A 272 -15.04 5.72 7.25
CA ALA A 272 -14.56 4.91 8.38
C ALA A 272 -15.62 4.93 9.48
N THR A 273 -15.63 3.85 10.29
CA THR A 273 -16.53 3.78 11.47
C THR A 273 -15.72 3.87 12.72
N VAL A 274 -16.27 4.56 13.72
CA VAL A 274 -15.67 4.55 15.11
C VAL A 274 -16.02 3.19 15.73
N ILE A 275 -14.96 2.44 16.11
CA ILE A 275 -15.12 1.07 16.70
C ILE A 275 -14.66 1.05 18.16
N GLY A 276 -14.22 2.17 18.72
CA GLY A 276 -13.87 2.19 20.16
C GLY A 276 -13.20 3.48 20.52
N HIS A 277 -12.67 3.55 21.73
CA HIS A 277 -12.05 4.76 22.27
C HIS A 277 -10.96 4.44 23.29
N GLN A 278 -10.09 5.45 23.51
CA GLN A 278 -9.25 5.42 24.77
C GLN A 278 -9.50 6.78 25.37
N ALA A 279 -10.42 6.83 26.28
CA ALA A 279 -10.92 8.12 26.73
C ALA A 279 -9.84 8.89 27.48
N ASP A 280 -8.94 8.20 28.20
CA ASP A 280 -7.95 8.96 28.98
C ASP A 280 -7.02 9.74 28.04
N LYS A 281 -6.84 9.22 26.85
CA LYS A 281 -5.90 9.83 25.89
C LYS A 281 -6.67 10.65 24.84
N GLY A 282 -7.99 10.69 24.94
CA GLY A 282 -8.75 11.42 23.96
C GLY A 282 -8.72 10.79 22.56
N TRP A 283 -8.64 9.46 22.49
CA TRP A 283 -8.61 8.79 21.16
C TRP A 283 -9.99 8.23 20.84
N ALA A 284 -10.34 8.37 19.55
CA ALA A 284 -11.46 7.54 18.97
C ALA A 284 -10.71 6.56 18.05
N ILE A 285 -11.00 5.30 18.13
CA ILE A 285 -10.35 4.29 17.25
C ILE A 285 -11.33 4.03 16.10
N VAL A 286 -10.81 4.14 14.85
CA VAL A 286 -11.65 3.92 13.66
C VAL A 286 -11.12 2.70 12.94
N ASP A 287 -11.94 2.15 12.04
CA ASP A 287 -11.55 0.96 11.24
C ASP A 287 -10.86 1.29 9.93
N ALA A 288 -10.33 2.51 9.84
CA ALA A 288 -9.43 2.90 8.73
C ALA A 288 -8.02 3.01 9.30
N GLY A 289 -7.25 1.90 9.18
CA GLY A 289 -5.85 1.98 9.54
C GLY A 289 -4.97 2.25 8.31
N TRP A 290 -3.69 1.90 8.37
CA TRP A 290 -2.84 2.16 7.20
C TRP A 290 -3.23 1.21 6.08
N MET A 291 -3.88 0.04 6.29
CA MET A 291 -4.30 -0.79 5.13
C MET A 291 -5.29 0.05 4.30
N ALA A 292 -6.13 0.88 4.93
CA ALA A 292 -7.08 1.74 4.20
C ALA A 292 -6.36 2.99 3.70
N MET A 293 -5.62 3.69 4.56
CA MET A 293 -5.12 5.01 4.13
C MET A 293 -3.82 4.86 3.30
N SER A 294 -3.13 3.72 3.38
CA SER A 294 -1.75 3.48 2.98
C SER A 294 -0.82 4.05 4.05
N ARG A 295 0.44 3.65 3.99
CA ARG A 295 1.51 4.21 4.90
C ARG A 295 2.00 5.56 4.40
N ASP A 296 1.44 6.17 3.35
CA ASP A 296 2.02 7.46 2.89
C ASP A 296 1.85 8.55 3.96
N ARG A 297 2.99 9.20 4.26
CA ARG A 297 3.02 10.27 5.26
C ARG A 297 3.69 11.51 4.61
N GLY A 298 3.31 11.83 3.36
CA GLY A 298 3.92 12.94 2.64
C GLY A 298 3.72 14.28 3.34
N THR A 299 2.64 14.47 4.15
CA THR A 299 2.44 15.78 4.80
C THR A 299 3.44 15.95 5.98
N ALA A 300 4.07 14.89 6.46
CA ALA A 300 4.98 14.99 7.61
C ALA A 300 6.11 15.93 7.32
N ARG A 301 6.51 16.02 6.06
CA ARG A 301 7.67 16.92 5.67
C ARG A 301 7.26 18.29 5.23
N GLN A 302 5.96 18.59 5.35
CA GLN A 302 5.42 19.83 4.82
C GLN A 302 5.07 20.73 5.98
N LYS A 303 4.47 21.88 5.68
CA LYS A 303 4.28 22.86 6.73
C LYS A 303 3.12 22.60 7.71
N GLN A 304 2.23 21.69 7.34
CA GLN A 304 1.18 21.24 8.22
C GLN A 304 1.09 19.72 8.10
N ASP A 305 1.39 19.01 9.17
CA ASP A 305 1.35 17.52 9.24
C ASP A 305 -0.05 17.07 9.56
N PHE A 306 -0.65 16.26 8.66
CA PHE A 306 -2.02 15.76 8.86
C PHE A 306 -2.02 14.31 9.34
N GLY A 307 -0.89 13.80 9.84
CA GLY A 307 -0.92 12.42 10.35
C GLY A 307 -1.33 11.48 9.22
N TYR A 308 -2.19 10.50 9.53
CA TYR A 308 -2.67 9.57 8.48
C TYR A 308 -3.95 10.07 7.82
N GLY A 309 -4.32 11.33 8.09
CA GLY A 309 -5.41 11.95 7.28
C GLY A 309 -6.23 12.95 8.08
N GLN A 310 -6.91 13.79 7.32
CA GLN A 310 -7.73 14.84 7.92
C GLN A 310 -9.14 14.35 8.15
N VAL A 311 -9.68 14.47 9.37
CA VAL A 311 -11.06 13.97 9.64
C VAL A 311 -12.08 14.96 9.05
N CYS A 312 -13.16 14.40 8.49
CA CYS A 312 -14.32 15.14 8.02
C CYS A 312 -15.54 14.40 8.55
N ASP A 313 -16.66 15.10 8.70
CA ASP A 313 -17.88 14.41 9.12
C ASP A 313 -18.47 13.63 7.90
N LEU A 314 -19.60 12.91 8.15
CA LEU A 314 -20.14 12.02 7.15
C LEU A 314 -20.60 12.86 5.95
N GLN A 315 -21.00 14.13 6.19
CA GLN A 315 -21.37 15.02 5.06
C GLN A 315 -20.21 15.57 4.27
N GLY A 316 -19.00 15.31 4.74
CA GLY A 316 -17.82 15.77 4.09
C GLY A 316 -17.27 17.08 4.61
N ARG A 317 -17.88 17.65 5.66
CA ARG A 317 -17.37 18.93 6.27
C ARG A 317 -16.03 18.65 6.91
N VAL A 318 -15.00 19.43 6.59
CA VAL A 318 -13.70 19.25 7.23
C VAL A 318 -13.85 19.63 8.72
N MET A 319 -13.18 18.83 9.58
CA MET A 319 -13.17 19.05 11.05
C MET A 319 -11.79 19.38 11.44
N PRO A 320 -11.37 20.67 11.26
CA PRO A 320 -9.97 21.01 11.47
C PRO A 320 -9.57 20.69 12.90
N GLY A 321 -8.31 20.35 13.06
CA GLY A 321 -7.91 20.00 14.45
C GLY A 321 -8.13 18.53 14.88
N PHE A 322 -8.95 17.72 14.12
CA PHE A 322 -8.94 16.29 14.34
C PHE A 322 -8.26 15.66 13.10
N VAL A 323 -7.30 14.78 13.38
CA VAL A 323 -6.65 14.04 12.34
C VAL A 323 -6.44 12.59 12.84
N LEU A 324 -5.98 11.70 11.95
CA LEU A 324 -5.54 10.37 12.38
C LEU A 324 -4.09 10.53 12.85
N THR A 325 -3.86 10.61 14.17
CA THR A 325 -2.53 10.79 14.64
C THR A 325 -1.66 9.56 14.58
N GLY A 326 -2.31 8.39 14.44
CA GLY A 326 -1.54 7.15 14.35
C GLY A 326 -2.36 6.12 13.56
N ALA A 327 -1.71 5.04 13.16
CA ALA A 327 -2.43 3.96 12.42
C ALA A 327 -1.68 2.68 12.56
N ASN A 328 -2.42 1.59 12.82
CA ASN A 328 -1.91 0.24 12.64
C ASN A 328 -2.65 -0.36 11.45
N GLN A 329 -2.56 -1.64 11.20
CA GLN A 329 -3.02 -2.14 9.89
C GLN A 329 -4.51 -1.87 9.64
N GLU A 330 -5.36 -2.25 10.67
CA GLU A 330 -6.82 -2.13 10.53
C GLU A 330 -7.41 -1.23 11.60
N HIS A 331 -6.55 -0.43 12.29
CA HIS A 331 -7.04 0.51 13.29
C HIS A 331 -6.42 1.84 13.07
N GLY A 332 -7.22 2.89 12.98
CA GLY A 332 -6.71 4.25 12.93
C GLY A 332 -7.00 4.91 14.30
N ILE A 333 -6.08 5.83 14.69
CA ILE A 333 -6.24 6.54 15.97
C ILE A 333 -6.62 7.96 15.63
N LEU A 334 -7.85 8.37 15.93
CA LEU A 334 -8.35 9.74 15.68
C LEU A 334 -8.14 10.53 16.98
N ALA A 335 -7.50 11.66 16.91
CA ALA A 335 -7.24 12.46 18.12
C ALA A 335 -7.03 13.92 17.72
N ARG A 336 -6.94 14.81 18.74
CA ARG A 336 -6.72 16.20 18.41
C ARG A 336 -5.30 16.40 17.83
N ALA A 337 -5.24 17.21 16.76
CA ALA A 337 -3.93 17.59 16.20
C ALA A 337 -3.11 18.42 17.20
N ASP A 338 -3.77 19.12 18.14
CA ASP A 338 -3.00 19.99 19.08
C ASP A 338 -2.40 19.20 20.23
N GLY A 339 -2.59 17.88 20.27
CA GLY A 339 -1.84 17.02 21.21
C GLY A 339 -2.64 16.89 22.47
N ALA A 340 -3.72 17.67 22.68
CA ALA A 340 -4.42 17.57 23.95
C ALA A 340 -5.34 16.37 23.92
N ALA A 341 -5.74 15.85 25.08
CA ALA A 341 -6.67 14.76 25.17
C ALA A 341 -8.08 15.36 25.20
N GLU A 342 -8.80 15.23 24.07
CA GLU A 342 -10.19 15.60 24.00
C GLU A 342 -10.94 14.98 25.16
N ALA A 343 -11.57 15.84 25.90
CA ALA A 343 -12.32 15.33 27.06
C ALA A 343 -13.58 14.61 26.48
N ASP A 344 -14.03 13.54 27.09
CA ASP A 344 -15.32 13.02 26.60
C ASP A 344 -15.39 12.78 25.05
N ILE A 345 -14.28 12.30 24.51
CA ILE A 345 -14.21 11.87 23.06
C ILE A 345 -15.33 10.90 22.71
N ALA A 346 -15.73 10.02 23.62
CA ALA A 346 -16.83 9.03 23.28
C ALA A 346 -18.19 9.66 23.21
N THR A 347 -18.32 10.79 23.84
CA THR A 347 -19.62 11.43 23.80
C THR A 347 -19.79 12.17 22.48
N ARG A 348 -18.67 12.70 21.92
CA ARG A 348 -18.70 13.39 20.67
C ARG A 348 -18.81 12.41 19.48
N PHE A 349 -18.05 11.27 19.58
CA PHE A 349 -17.99 10.30 18.48
C PHE A 349 -18.42 8.93 19.03
N PRO A 350 -19.74 8.72 19.26
CA PRO A 350 -20.17 7.42 19.82
C PRO A 350 -19.80 6.27 18.93
N LEU A 351 -19.71 5.11 19.54
CA LEU A 351 -19.50 3.87 18.79
C LEU A 351 -20.41 3.83 17.57
N GLY A 352 -19.84 3.51 16.41
CA GLY A 352 -20.65 3.36 15.15
C GLY A 352 -20.69 4.65 14.33
N THR A 353 -20.24 5.79 14.87
CA THR A 353 -20.31 7.05 14.12
C THR A 353 -19.46 6.89 12.83
N ARG A 354 -19.92 7.40 11.73
CA ARG A 354 -19.17 7.32 10.47
C ARG A 354 -18.52 8.66 10.20
N LEU A 355 -17.28 8.62 9.71
CA LEU A 355 -16.50 9.83 9.42
C LEU A 355 -15.83 9.59 8.04
N ARG A 356 -15.26 10.64 7.47
CA ARG A 356 -14.55 10.49 6.18
C ARG A 356 -13.18 11.11 6.33
N ILE A 357 -12.17 10.41 5.87
CA ILE A 357 -10.80 10.83 6.11
C ILE A 357 -10.16 11.25 4.78
N LEU A 358 -9.64 12.50 4.69
CA LEU A 358 -8.96 12.91 3.47
C LEU A 358 -7.52 12.40 3.52
N PRO A 359 -7.03 11.89 2.35
CA PRO A 359 -5.71 11.21 2.31
C PRO A 359 -4.54 12.19 2.20
N ASN A 360 -3.38 11.73 2.68
CA ASN A 360 -2.14 12.44 2.35
C ASN A 360 -1.91 12.39 0.84
N HIS A 361 -2.04 11.22 0.23
CA HIS A 361 -1.62 11.05 -1.16
C HIS A 361 -2.70 10.24 -1.84
N ALA A 362 -3.43 10.86 -2.78
CA ALA A 362 -4.60 10.16 -3.37
C ALA A 362 -4.15 8.87 -4.11
N CYS A 363 -3.00 8.90 -4.78
CA CYS A 363 -2.60 7.75 -5.61
C CYS A 363 -2.28 6.56 -4.69
N ALA A 364 -1.72 6.87 -3.49
CA ALA A 364 -1.35 5.78 -2.55
C ALA A 364 -2.61 5.20 -1.87
N THR A 365 -3.51 6.12 -1.39
CA THR A 365 -4.71 5.62 -0.69
C THR A 365 -5.56 4.79 -1.65
N GLY A 366 -5.73 5.30 -2.89
CA GLY A 366 -6.67 4.63 -3.86
C GLY A 366 -6.19 3.22 -4.12
N ALA A 367 -4.85 3.01 -4.19
CA ALA A 367 -4.35 1.68 -4.49
C ALA A 367 -4.63 0.63 -3.43
N GLN A 368 -5.04 1.07 -2.22
CA GLN A 368 -5.41 0.12 -1.19
CA GLN A 368 -5.41 0.13 -1.17
C GLN A 368 -6.78 -0.52 -1.42
N PHE A 369 -7.58 -0.02 -2.38
CA PHE A 369 -8.99 -0.47 -2.51
C PHE A 369 -9.19 -1.17 -3.84
N PRO A 370 -9.96 -2.25 -3.84
CA PRO A 370 -10.38 -2.85 -5.10
C PRO A 370 -11.24 -1.96 -5.98
N ALA A 371 -11.90 -1.00 -5.38
CA ALA A 371 -12.89 -0.20 -6.10
C ALA A 371 -13.13 1.09 -5.33
N TYR A 372 -13.62 2.11 -6.02
CA TYR A 372 -14.15 3.32 -5.42
C TYR A 372 -15.66 3.23 -5.32
N GLN A 373 -16.23 4.05 -4.41
CA GLN A 373 -17.66 4.23 -4.33
C GLN A 373 -17.94 5.63 -4.87
N ALA A 374 -18.52 5.75 -6.06
CA ALA A 374 -18.75 7.06 -6.69
C ALA A 374 -20.06 7.64 -6.16
N LEU A 375 -19.96 8.78 -5.40
CA LEU A 375 -21.10 9.35 -4.68
C LEU A 375 -21.75 10.43 -5.56
N ALA A 376 -23.04 10.23 -5.86
CA ALA A 376 -23.82 11.15 -6.66
C ALA A 376 -24.45 12.21 -5.79
N ALA A 377 -25.06 13.20 -6.44
CA ALA A 377 -25.68 14.31 -5.71
C ALA A 377 -26.85 13.82 -4.79
N ASP A 378 -27.54 12.76 -5.22
CA ASP A 378 -28.69 12.27 -4.44
C ASP A 378 -28.24 11.41 -3.21
N GLY A 379 -26.91 11.23 -3.03
CA GLY A 379 -26.44 10.47 -1.87
C GLY A 379 -26.22 9.00 -2.20
N SER A 380 -26.67 8.53 -3.36
CA SER A 380 -26.39 7.14 -3.73
C SER A 380 -24.96 6.97 -4.23
N VAL A 381 -24.48 5.72 -4.16
CA VAL A 381 -23.15 5.35 -4.67
C VAL A 381 -23.25 4.24 -5.73
N GLN A 382 -22.26 4.32 -6.63
CA GLN A 382 -22.08 3.26 -7.64
C GLN A 382 -20.63 2.75 -7.45
N THR A 383 -20.38 1.44 -7.47
CA THR A 383 -19.01 0.93 -7.33
C THR A 383 -18.27 1.05 -8.67
N TRP A 384 -17.06 1.65 -8.60
CA TRP A 384 -16.20 1.85 -9.80
C TRP A 384 -14.92 1.07 -9.53
N GLU A 385 -14.76 -0.09 -10.14
CA GLU A 385 -13.56 -0.89 -9.96
C GLU A 385 -12.30 -0.15 -10.38
N ARG A 386 -11.20 -0.51 -9.75
CA ARG A 386 -9.88 -0.06 -10.21
C ARG A 386 -8.91 -1.21 -10.23
N LEU A 387 -7.72 -0.97 -10.80
CA LEU A 387 -6.75 -2.04 -11.03
C LEU A 387 -5.76 -2.13 -9.86
N HIS A 388 -5.32 -3.36 -9.54
CA HIS A 388 -4.30 -3.69 -8.55
C HIS A 388 -3.28 -4.57 -9.22
N GLY A 389 -2.02 -4.33 -8.94
CA GLY A 389 -0.95 -5.20 -9.35
C GLY A 389 -0.33 -4.90 -10.72
N TRP A 390 0.29 -5.92 -11.30
CA TRP A 390 1.10 -5.76 -12.52
C TRP A 390 0.77 -6.82 -13.50
N HIS B 2 1.81 -38.43 -21.03
CA HIS B 2 2.56 -37.29 -20.45
C HIS B 2 2.19 -35.92 -21.03
N HIS B 3 1.00 -35.81 -21.66
CA HIS B 3 0.54 -34.49 -22.26
C HIS B 3 0.54 -33.35 -21.25
N HIS B 4 -0.08 -33.58 -20.07
CA HIS B 4 -0.07 -32.58 -18.95
C HIS B 4 1.32 -32.22 -18.49
N HIS B 5 2.17 -33.23 -18.32
CA HIS B 5 3.52 -32.97 -17.81
C HIS B 5 4.27 -32.02 -18.78
N HIS B 6 4.30 -32.38 -20.07
CA HIS B 6 5.09 -31.61 -21.07
C HIS B 6 4.58 -30.20 -21.18
N HIS B 7 3.23 -30.07 -21.11
CA HIS B 7 2.60 -28.72 -21.23
C HIS B 7 2.90 -27.89 -20.01
N ALA B 8 2.76 -28.52 -18.82
CA ALA B 8 3.12 -27.79 -17.57
C ALA B 8 4.60 -27.32 -17.54
N MET B 9 5.54 -28.15 -18.01
CA MET B 9 7.00 -27.78 -18.05
C MET B 9 7.18 -26.56 -18.97
N SER B 10 6.49 -26.60 -20.11
CA SER B 10 6.58 -25.49 -21.07
C SER B 10 6.07 -24.15 -20.41
N MET B 11 5.19 -24.25 -19.40
CA MET B 11 4.55 -23.04 -18.80
C MET B 11 5.17 -22.61 -17.49
N GLN B 12 6.14 -23.37 -16.96
CA GLN B 12 6.68 -23.12 -15.62
C GLN B 12 7.60 -21.89 -15.47
N ASP B 13 7.30 -21.00 -14.53
CA ASP B 13 8.14 -19.79 -14.35
C ASP B 13 9.26 -19.96 -13.37
N THR B 14 10.28 -19.12 -13.48
CA THR B 14 11.40 -19.03 -12.52
C THR B 14 11.64 -17.58 -12.27
N LEU B 15 12.62 -17.24 -11.44
CA LEU B 15 12.91 -15.83 -11.17
C LEU B 15 13.43 -15.10 -12.37
N LEU B 16 13.86 -15.84 -13.40
CA LEU B 16 14.33 -15.19 -14.61
C LEU B 16 13.22 -14.87 -15.56
N THR B 17 12.07 -15.58 -15.46
CA THR B 17 11.01 -15.44 -16.47
C THR B 17 9.81 -14.63 -15.95
N LEU B 18 9.69 -14.48 -14.62
CA LEU B 18 8.62 -13.62 -14.07
C LEU B 18 8.72 -12.17 -14.56
N ASP B 19 7.59 -11.50 -14.72
CA ASP B 19 7.69 -10.03 -14.84
C ASP B 19 7.97 -9.46 -13.44
N THR B 20 8.53 -8.24 -13.44
CA THR B 20 8.84 -7.56 -12.19
C THR B 20 8.04 -6.25 -12.13
N PRO B 21 7.68 -5.78 -10.94
CA PRO B 21 8.05 -6.41 -9.65
C PRO B 21 7.18 -7.63 -9.31
N ALA B 22 7.71 -8.51 -8.44
CA ALA B 22 6.95 -9.69 -7.98
C ALA B 22 7.31 -9.92 -6.53
N ALA B 23 6.34 -10.41 -5.74
CA ALA B 23 6.59 -10.69 -4.30
C ALA B 23 6.95 -12.20 -4.20
N VAL B 24 8.18 -12.49 -3.81
CA VAL B 24 8.68 -13.84 -3.88
C VAL B 24 8.77 -14.37 -2.43
N ILE B 25 8.14 -15.56 -2.21
CA ILE B 25 8.34 -16.21 -0.90
C ILE B 25 9.38 -17.35 -1.09
N ASP B 26 10.49 -17.26 -0.33
CA ASP B 26 11.48 -18.34 -0.33
C ASP B 26 10.88 -19.45 0.59
N LEU B 27 10.31 -20.50 0.00
CA LEU B 27 9.59 -21.51 0.79
C LEU B 27 10.44 -22.16 1.85
N ASP B 28 11.73 -22.39 1.59
CA ASP B 28 12.55 -23.04 2.61
C ASP B 28 12.71 -22.13 3.84
N ARG B 29 12.90 -20.79 3.61
CA ARG B 29 12.99 -19.85 4.77
C ARG B 29 11.64 -19.77 5.45
N MET B 30 10.54 -19.74 4.68
CA MET B 30 9.17 -19.66 5.29
C MET B 30 8.95 -20.94 6.17
N GLN B 31 9.32 -22.11 5.70
CA GLN B 31 9.14 -23.33 6.53
C GLN B 31 9.98 -23.31 7.79
N ARG B 32 11.21 -22.76 7.74
CA ARG B 32 12.08 -22.64 8.97
C ARG B 32 11.37 -21.71 9.93
N ASN B 33 10.80 -20.59 9.45
CA ASN B 33 10.12 -19.63 10.38
C ASN B 33 8.89 -20.29 11.02
N ILE B 34 8.14 -21.04 10.23
CA ILE B 34 6.92 -21.73 10.70
C ILE B 34 7.33 -22.69 11.82
N ALA B 35 8.37 -23.49 11.55
CA ALA B 35 8.82 -24.52 12.54
C ALA B 35 9.32 -23.86 13.78
N ARG B 36 10.10 -22.78 13.63
CA ARG B 36 10.69 -22.13 14.80
C ARG B 36 9.56 -21.66 15.79
N MET B 37 8.55 -21.00 15.24
CA MET B 37 7.49 -20.48 16.11
C MET B 37 6.72 -21.61 16.71
N GLN B 38 6.30 -22.59 15.92
CA GLN B 38 5.46 -23.68 16.45
C GLN B 38 6.26 -24.41 17.53
N GLN B 39 7.57 -24.67 17.29
CA GLN B 39 8.35 -25.40 18.30
C GLN B 39 8.41 -24.58 19.62
N ARG B 40 8.55 -23.26 19.52
CA ARG B 40 8.65 -22.44 20.71
C ARG B 40 7.35 -22.52 21.50
N MET B 41 6.23 -22.44 20.79
CA MET B 41 4.92 -22.56 21.49
C MET B 41 4.68 -23.94 22.11
N ASP B 42 5.10 -25.01 21.42
CA ASP B 42 5.00 -26.39 21.94
C ASP B 42 5.85 -26.44 23.21
N ALA B 43 7.03 -25.79 23.21
CA ALA B 43 7.93 -25.84 24.39
C ALA B 43 7.30 -25.13 25.61
N GLN B 44 6.52 -24.07 25.33
CA GLN B 44 5.77 -23.26 26.30
C GLN B 44 4.43 -23.95 26.71
N GLY B 45 4.02 -25.04 26.04
CA GLY B 45 2.70 -25.72 26.25
C GLY B 45 1.51 -24.80 25.94
N VAL B 46 1.63 -23.89 24.94
CA VAL B 46 0.49 -23.10 24.56
C VAL B 46 0.11 -23.39 23.09
N ARG B 47 -1.11 -23.08 22.69
CA ARG B 47 -1.54 -23.19 21.29
C ARG B 47 -0.94 -21.97 20.55
N LEU B 48 -0.72 -22.16 19.24
CA LEU B 48 -0.35 -21.01 18.36
C LEU B 48 -1.52 -20.80 17.45
N ARG B 49 -2.05 -19.54 17.49
CA ARG B 49 -3.20 -19.15 16.61
C ARG B 49 -2.60 -18.05 15.71
N PRO B 50 -2.05 -18.45 14.53
CA PRO B 50 -1.33 -17.49 13.68
C PRO B 50 -2.29 -16.41 13.21
N HIS B 51 -1.72 -15.24 13.08
CA HIS B 51 -2.48 -14.08 12.50
C HIS B 51 -2.22 -14.03 11.02
N VAL B 52 -3.25 -14.29 10.22
CA VAL B 52 -3.09 -14.35 8.76
C VAL B 52 -3.11 -12.98 8.13
N LYS B 53 -3.18 -11.89 8.91
CA LYS B 53 -3.23 -10.59 8.25
C LYS B 53 -1.92 -10.31 7.51
N THR B 54 -0.81 -11.03 7.83
CA THR B 54 0.49 -10.75 7.18
C THR B 54 0.41 -11.31 5.74
N SER B 55 -0.18 -12.52 5.48
CA SER B 55 -0.12 -13.08 4.12
C SER B 55 -1.45 -13.09 3.46
N LYS B 56 -2.55 -13.22 4.23
CA LYS B 56 -3.91 -13.42 3.69
C LYS B 56 -3.90 -14.43 2.50
N SER B 57 -3.14 -15.55 2.70
CA SER B 57 -2.98 -16.49 1.61
C SER B 57 -3.29 -17.90 2.13
N VAL B 58 -4.21 -18.58 1.46
CA VAL B 58 -4.67 -19.93 1.88
C VAL B 58 -3.48 -20.91 2.00
N PRO B 59 -2.59 -20.99 0.98
CA PRO B 59 -1.51 -21.98 1.11
C PRO B 59 -0.50 -21.65 2.20
N VAL B 60 -0.36 -20.35 2.53
CA VAL B 60 0.57 -20.01 3.62
C VAL B 60 -0.06 -20.44 4.95
N ALA B 61 -1.33 -20.16 5.17
CA ALA B 61 -2.01 -20.60 6.39
C ALA B 61 -2.07 -22.13 6.42
N ALA B 62 -2.18 -22.79 5.25
CA ALA B 62 -2.20 -24.27 5.26
C ALA B 62 -0.90 -24.80 5.80
N ALA B 63 0.22 -24.20 5.44
CA ALA B 63 1.52 -24.61 5.97
C ALA B 63 1.60 -24.40 7.47
N GLN B 64 1.11 -23.27 7.94
CA GLN B 64 1.04 -23.02 9.42
C GLN B 64 0.18 -24.09 10.11
N ARG B 65 -0.98 -24.45 9.51
CA ARG B 65 -1.89 -25.46 10.13
C ARG B 65 -1.18 -26.82 10.11
N ALA B 66 -0.54 -27.20 9.00
CA ALA B 66 0.16 -28.47 8.89
C ALA B 66 1.26 -28.65 9.98
N ALA B 67 1.88 -27.55 10.36
CA ALA B 67 2.96 -27.55 11.35
C ALA B 67 2.49 -27.67 12.79
N GLY B 68 1.18 -27.47 13.01
CA GLY B 68 0.59 -27.63 14.35
C GLY B 68 -0.26 -26.50 14.84
N ALA B 69 -0.53 -25.49 14.01
CA ALA B 69 -1.33 -24.32 14.53
C ALA B 69 -2.78 -24.69 14.85
N SER B 70 -3.43 -23.93 15.74
CA SER B 70 -4.79 -24.18 16.20
C SER B 70 -5.60 -22.95 15.88
N GLY B 71 -6.37 -23.03 14.78
CA GLY B 71 -7.19 -21.89 14.42
C GLY B 71 -6.34 -20.76 13.83
N ILE B 72 -7.02 -19.65 13.52
CA ILE B 72 -6.32 -18.49 13.03
C ILE B 72 -6.92 -17.22 13.68
N THR B 73 -6.18 -16.14 13.50
CA THR B 73 -6.66 -14.79 13.83
C THR B 73 -6.76 -14.03 12.52
N VAL B 74 -7.82 -13.23 12.35
CA VAL B 74 -8.00 -12.46 11.12
C VAL B 74 -8.19 -10.99 11.53
N SER B 75 -7.89 -10.08 10.58
CA SER B 75 -8.00 -8.63 10.80
C SER B 75 -9.24 -8.04 10.14
N THR B 76 -10.00 -8.81 9.37
CA THR B 76 -11.19 -8.35 8.65
C THR B 76 -12.17 -9.52 8.52
N LEU B 77 -13.47 -9.21 8.38
CA LEU B 77 -14.41 -10.31 8.11
C LEU B 77 -14.20 -10.88 6.67
N LYS B 78 -13.58 -10.11 5.76
CA LYS B 78 -13.30 -10.68 4.44
CA LYS B 78 -13.30 -10.68 4.44
C LYS B 78 -12.33 -11.83 4.60
N GLU B 79 -11.31 -11.67 5.45
CA GLU B 79 -10.40 -12.77 5.72
C GLU B 79 -11.21 -13.93 6.34
N ALA B 80 -12.09 -13.67 7.31
CA ALA B 80 -12.86 -14.82 7.88
C ALA B 80 -13.66 -15.55 6.75
N GLU B 81 -14.30 -14.77 5.82
CA GLU B 81 -15.09 -15.41 4.78
C GLU B 81 -14.16 -16.30 3.91
N GLN B 82 -12.97 -15.78 3.53
CA GLN B 82 -12.05 -16.50 2.61
C GLN B 82 -11.56 -17.76 3.28
N PHE B 83 -11.05 -17.63 4.51
CA PHE B 83 -10.45 -18.79 5.16
C PHE B 83 -11.51 -19.81 5.58
N PHE B 84 -12.73 -19.33 5.95
CA PHE B 84 -13.79 -20.34 6.23
C PHE B 84 -14.20 -21.10 4.95
N ALA B 85 -14.27 -20.41 3.83
CA ALA B 85 -14.60 -21.07 2.56
C ALA B 85 -13.52 -22.14 2.25
N ALA B 86 -12.28 -21.86 2.64
CA ALA B 86 -11.13 -22.77 2.43
C ALA B 86 -11.02 -23.88 3.47
N GLY B 87 -11.93 -23.92 4.44
CA GLY B 87 -11.99 -25.00 5.40
C GLY B 87 -11.59 -24.69 6.85
N THR B 88 -11.17 -23.43 7.12
CA THR B 88 -10.75 -23.08 8.47
C THR B 88 -12.01 -22.68 9.30
N THR B 89 -12.32 -23.40 10.39
CA THR B 89 -13.55 -23.09 11.12
C THR B 89 -13.29 -22.32 12.40
N ASP B 90 -12.08 -22.38 12.95
CA ASP B 90 -11.78 -21.73 14.25
C ASP B 90 -11.11 -20.40 14.00
N ILE B 91 -11.92 -19.34 13.99
CA ILE B 91 -11.41 -18.02 13.50
C ILE B 91 -11.74 -16.95 14.54
N LEU B 92 -10.71 -16.20 14.92
CA LEU B 92 -10.88 -15.05 15.85
C LEU B 92 -10.74 -13.76 15.06
N TYR B 93 -11.76 -12.92 15.08
CA TYR B 93 -11.70 -11.64 14.39
C TYR B 93 -11.25 -10.60 15.41
N ALA B 94 -9.93 -10.29 15.39
CA ALA B 94 -9.28 -9.55 16.51
C ALA B 94 -9.23 -8.05 16.22
N VAL B 95 -10.39 -7.47 15.90
CA VAL B 95 -10.51 -6.01 15.79
C VAL B 95 -11.86 -5.69 16.52
N SER B 96 -11.86 -4.68 17.39
CA SER B 96 -13.05 -4.29 18.17
CA SER B 96 -13.03 -4.29 18.13
C SER B 96 -14.27 -4.32 17.25
N MET B 97 -15.33 -5.06 17.63
CA MET B 97 -16.45 -5.33 16.72
C MET B 97 -17.27 -4.07 16.46
N ALA B 98 -17.57 -3.77 15.16
CA ALA B 98 -18.48 -2.71 14.83
C ALA B 98 -19.89 -3.29 14.78
N PRO B 99 -20.86 -2.67 15.47
CA PRO B 99 -22.22 -3.21 15.39
C PRO B 99 -22.76 -3.43 14.00
N HIS B 100 -22.40 -2.57 13.03
CA HIS B 100 -23.01 -2.76 11.68
C HIS B 100 -22.51 -4.01 10.97
N ARG B 101 -21.41 -4.62 11.46
CA ARG B 101 -20.91 -5.85 10.90
C ARG B 101 -21.56 -7.09 11.52
N LEU B 102 -22.48 -6.89 12.50
CA LEU B 102 -23.05 -8.08 13.15
C LEU B 102 -23.82 -9.06 12.20
N PRO B 103 -24.57 -8.52 11.20
CA PRO B 103 -25.24 -9.48 10.27
C PRO B 103 -24.22 -10.34 9.57
N GLN B 104 -23.08 -9.80 9.14
CA GLN B 104 -22.08 -10.66 8.45
C GLN B 104 -21.49 -11.68 9.40
N ALA B 105 -21.22 -11.28 10.68
CA ALA B 105 -20.67 -12.25 11.63
C ALA B 105 -21.76 -13.33 11.91
N LEU B 106 -23.01 -12.94 12.02
CA LEU B 106 -24.13 -13.91 12.23
C LEU B 106 -24.15 -14.90 11.06
N GLN B 107 -24.09 -14.38 9.84
N GLN B 107 -24.04 -14.39 9.79
CA GLN B 107 -24.18 -15.30 8.69
CA GLN B 107 -24.14 -15.29 8.63
C GLN B 107 -23.05 -16.31 8.68
C GLN B 107 -23.01 -16.30 8.61
N LEU B 108 -21.80 -15.86 8.96
CA LEU B 108 -20.65 -16.76 9.00
C LEU B 108 -20.92 -17.87 10.06
N ARG B 109 -21.36 -17.44 11.27
CA ARG B 109 -21.61 -18.49 12.30
C ARG B 109 -22.73 -19.51 11.86
N ARG B 110 -23.79 -18.98 11.23
CA ARG B 110 -24.89 -19.81 10.80
CA ARG B 110 -24.89 -19.80 10.80
C ARG B 110 -24.46 -20.78 9.73
N ARG B 111 -23.44 -20.44 8.93
CA ARG B 111 -22.85 -21.39 7.93
C ARG B 111 -21.86 -22.38 8.49
N GLY B 112 -21.54 -22.27 9.80
CA GLY B 112 -20.70 -23.20 10.45
C GLY B 112 -19.33 -22.70 10.83
N CYS B 113 -19.11 -21.39 10.74
CA CYS B 113 -17.82 -20.88 11.18
C CYS B 113 -17.85 -20.58 12.69
N ASP B 114 -16.87 -21.08 13.43
CA ASP B 114 -16.81 -20.83 14.89
C ASP B 114 -16.07 -19.54 15.06
N LEU B 115 -16.75 -18.48 14.67
CA LEU B 115 -16.15 -17.14 14.59
C LEU B 115 -16.28 -16.46 15.97
N LYS B 116 -15.17 -15.97 16.48
CA LYS B 116 -15.13 -15.23 17.78
C LYS B 116 -14.94 -13.76 17.49
N LEU B 117 -15.63 -12.92 18.25
CA LEU B 117 -15.55 -11.45 18.13
C LEU B 117 -14.90 -10.89 19.39
N ILE B 118 -14.47 -9.63 19.35
CA ILE B 118 -13.84 -9.01 20.52
C ILE B 118 -14.50 -7.67 20.76
N VAL B 119 -14.53 -7.25 22.03
CA VAL B 119 -15.02 -5.92 22.41
C VAL B 119 -14.14 -5.37 23.53
N ASP B 120 -14.29 -4.07 23.78
CA ASP B 120 -13.62 -3.40 24.92
C ASP B 120 -14.49 -2.32 25.55
N SER B 121 -15.82 -2.40 25.33
CA SER B 121 -16.69 -1.39 25.84
C SER B 121 -18.05 -2.01 26.20
N VAL B 122 -18.70 -1.35 27.16
CA VAL B 122 -20.08 -1.78 27.51
C VAL B 122 -20.99 -1.58 26.29
N ALA B 123 -20.87 -0.44 25.56
CA ALA B 123 -21.81 -0.21 24.42
C ALA B 123 -21.63 -1.30 23.34
N ALA B 124 -20.35 -1.74 23.07
CA ALA B 124 -20.23 -2.81 22.02
C ALA B 124 -20.81 -4.11 22.54
N ALA B 125 -20.61 -4.40 23.85
CA ALA B 125 -21.17 -5.62 24.41
C ALA B 125 -22.69 -5.60 24.35
N GLN B 126 -23.28 -4.45 24.68
CA GLN B 126 -24.73 -4.34 24.66
C GLN B 126 -25.23 -4.54 23.22
N ALA B 127 -24.51 -4.00 22.21
CA ALA B 127 -24.99 -4.15 20.82
C ALA B 127 -24.99 -5.61 20.41
N ILE B 128 -23.89 -6.32 20.73
CA ILE B 128 -23.80 -7.75 20.38
C ILE B 128 -24.90 -8.54 21.11
N ALA B 129 -25.06 -8.32 22.43
CA ALA B 129 -26.02 -9.15 23.17
C ALA B 129 -27.43 -8.83 22.65
N ALA B 130 -27.77 -7.58 22.36
CA ALA B 130 -29.15 -7.30 21.89
C ALA B 130 -29.38 -7.95 20.52
N PHE B 131 -28.36 -7.91 19.63
CA PHE B 131 -28.59 -8.54 18.35
C PHE B 131 -28.66 -10.05 18.45
N GLY B 132 -27.80 -10.62 19.30
CA GLY B 132 -27.81 -12.07 19.54
C GLY B 132 -29.16 -12.49 20.08
N ARG B 133 -29.73 -11.77 21.07
CA ARG B 133 -31.04 -12.14 21.57
C ARG B 133 -32.09 -12.05 20.42
N GLU B 134 -32.06 -10.96 19.67
CA GLU B 134 -33.02 -10.80 18.54
C GLU B 134 -32.98 -11.95 17.56
N GLN B 135 -31.75 -12.36 17.25
CA GLN B 135 -31.50 -13.38 16.19
C GLN B 135 -31.36 -14.81 16.68
N GLY B 136 -31.43 -15.02 18.00
CA GLY B 136 -31.26 -16.36 18.59
C GLY B 136 -29.85 -16.91 18.45
N GLU B 137 -28.86 -16.02 18.62
CA GLU B 137 -27.46 -16.42 18.45
C GLU B 137 -26.66 -16.07 19.70
N ALA B 138 -26.02 -17.08 20.32
CA ALA B 138 -25.15 -16.87 21.46
C ALA B 138 -23.75 -16.63 20.87
N PHE B 139 -23.50 -15.42 20.46
CA PHE B 139 -22.14 -15.10 19.95
C PHE B 139 -21.07 -15.39 20.97
N GLU B 140 -19.86 -15.81 20.52
CA GLU B 140 -18.74 -15.94 21.44
C GLU B 140 -17.96 -14.63 21.35
N VAL B 141 -17.68 -14.01 22.48
CA VAL B 141 -17.06 -12.69 22.52
C VAL B 141 -15.96 -12.77 23.56
N TRP B 142 -14.77 -12.24 23.17
CA TRP B 142 -13.66 -12.09 24.10
C TRP B 142 -13.50 -10.65 24.42
N ILE B 143 -12.90 -10.34 25.59
CA ILE B 143 -12.73 -8.92 26.00
C ILE B 143 -11.26 -8.57 25.71
N GLU B 144 -11.06 -7.50 24.96
CA GLU B 144 -9.68 -7.05 24.68
C GLU B 144 -9.08 -6.24 25.85
N ILE B 145 -7.83 -6.54 26.22
CA ILE B 145 -7.18 -5.97 27.39
C ILE B 145 -6.04 -5.10 26.85
N ASP B 146 -5.88 -3.92 27.42
CA ASP B 146 -4.76 -3.00 27.10
C ASP B 146 -3.70 -3.28 28.19
N THR B 147 -2.61 -3.95 27.82
CA THR B 147 -1.55 -4.29 28.78
C THR B 147 -0.34 -3.38 28.61
N ASP B 148 -0.25 -2.58 27.52
CA ASP B 148 0.93 -1.74 27.31
C ASP B 148 0.71 -0.32 26.75
N GLY B 149 -0.56 0.14 26.65
CA GLY B 149 -0.90 1.45 26.17
C GLY B 149 -0.87 1.59 24.66
N HIS B 150 -0.73 0.49 23.95
CA HIS B 150 -0.53 0.52 22.51
C HIS B 150 -1.75 1.03 21.74
N ARG B 151 -2.95 0.48 22.02
CA ARG B 151 -4.05 0.66 21.05
C ARG B 151 -5.38 0.36 21.82
N SER B 152 -6.23 -0.62 21.46
CA SER B 152 -7.55 -0.83 22.06
C SER B 152 -7.44 -1.65 23.34
N GLY B 153 -8.56 -1.73 24.08
CA GLY B 153 -8.54 -2.62 25.23
C GLY B 153 -8.90 -1.93 26.55
N VAL B 154 -9.53 -2.74 27.40
CA VAL B 154 -9.82 -2.34 28.78
C VAL B 154 -8.51 -2.39 29.54
N GLY B 155 -8.24 -1.43 30.43
CA GLY B 155 -7.02 -1.62 31.25
C GLY B 155 -7.05 -2.88 32.10
N ALA B 156 -5.91 -3.54 32.19
CA ALA B 156 -5.87 -4.81 32.92
C ALA B 156 -6.32 -4.62 34.41
N ASP B 157 -6.10 -3.43 34.96
CA ASP B 157 -6.48 -3.17 36.33
C ASP B 157 -7.85 -2.51 36.50
N ASP B 158 -8.62 -2.41 35.41
CA ASP B 158 -9.89 -1.71 35.43
C ASP B 158 -11.02 -2.71 35.76
N THR B 159 -10.96 -3.30 36.97
CA THR B 159 -11.95 -4.35 37.37
C THR B 159 -13.38 -3.87 37.11
N PRO B 160 -13.75 -2.65 37.52
CA PRO B 160 -15.18 -2.31 37.37
C PRO B 160 -15.64 -2.39 35.89
N LEU B 161 -14.80 -1.91 34.97
CA LEU B 161 -15.23 -1.91 33.54
C LEU B 161 -15.16 -3.34 33.01
N LEU B 162 -14.12 -4.12 33.39
CA LEU B 162 -14.04 -5.57 32.97
C LEU B 162 -15.32 -6.26 33.39
N LEU B 163 -15.71 -6.10 34.68
CA LEU B 163 -16.91 -6.83 35.13
C LEU B 163 -18.17 -6.36 34.39
N ALA B 164 -18.25 -5.00 34.20
CA ALA B 164 -19.45 -4.49 33.56
C ALA B 164 -19.61 -5.07 32.13
N ILE B 165 -18.48 -5.16 31.42
CA ILE B 165 -18.54 -5.76 30.06
C ILE B 165 -18.80 -7.26 30.16
N GLY B 166 -18.07 -7.95 31.06
CA GLY B 166 -18.30 -9.38 31.15
C GLY B 166 -19.75 -9.74 31.56
N ARG B 167 -20.33 -9.00 32.53
CA ARG B 167 -21.74 -9.24 32.89
C ARG B 167 -22.68 -8.93 31.78
N THR B 168 -22.41 -7.84 31.05
CA THR B 168 -23.33 -7.47 29.96
C THR B 168 -23.40 -8.66 28.97
N LEU B 169 -22.20 -9.22 28.65
CA LEU B 169 -22.18 -10.37 27.74
C LEU B 169 -22.85 -11.62 28.34
N HIS B 170 -22.43 -11.95 29.58
CA HIS B 170 -22.88 -13.22 30.17
C HIS B 170 -24.37 -13.21 30.56
N ASP B 171 -24.82 -12.08 31.17
CA ASP B 171 -26.21 -11.94 31.58
C ASP B 171 -27.07 -11.82 30.31
N GLY B 172 -26.46 -11.30 29.22
CA GLY B 172 -27.15 -11.10 27.97
C GLY B 172 -27.28 -12.35 27.16
N GLY B 173 -26.75 -13.48 27.62
CA GLY B 173 -26.86 -14.77 26.92
C GLY B 173 -25.83 -15.05 25.87
N MET B 174 -24.80 -14.21 25.86
CA MET B 174 -23.67 -14.51 24.96
C MET B 174 -22.64 -15.36 25.66
N ARG B 175 -21.67 -15.89 24.89
CA ARG B 175 -20.65 -16.76 25.48
C ARG B 175 -19.43 -15.88 25.70
N LEU B 176 -19.11 -15.54 26.93
CA LEU B 176 -17.90 -14.78 27.25
C LEU B 176 -16.76 -15.81 27.21
N GLY B 177 -15.96 -15.78 26.16
CA GLY B 177 -15.09 -16.88 25.83
C GLY B 177 -13.66 -16.70 26.29
N GLY B 178 -13.27 -15.48 26.70
CA GLY B 178 -11.86 -15.29 27.00
C GLY B 178 -11.51 -13.82 27.02
N VAL B 179 -10.19 -13.59 27.22
CA VAL B 179 -9.58 -12.26 27.13
C VAL B 179 -8.40 -12.35 26.17
N LEU B 180 -8.05 -11.24 25.51
CA LEU B 180 -6.89 -11.25 24.66
C LEU B 180 -6.17 -9.91 24.80
N THR B 181 -4.87 -9.88 24.48
CA THR B 181 -4.14 -8.63 24.49
C THR B 181 -3.09 -8.74 23.37
N HIS B 182 -2.68 -7.58 22.82
CA HIS B 182 -1.61 -7.53 21.86
C HIS B 182 -0.65 -6.49 22.29
N ALA B 183 0.59 -6.89 22.67
CA ALA B 183 1.51 -5.87 23.19
C ALA B 183 2.30 -5.24 22.04
N GLY B 184 1.63 -4.48 21.17
CA GLY B 184 2.23 -3.90 19.94
C GLY B 184 3.33 -2.89 20.21
N SER B 185 3.47 -2.43 21.46
CA SER B 185 4.57 -1.52 21.81
C SER B 185 5.87 -2.30 21.76
N SER B 186 5.86 -3.63 21.59
CA SER B 186 7.12 -4.41 21.43
C SER B 186 7.92 -3.93 20.18
N TYR B 187 7.24 -3.27 19.24
CA TYR B 187 7.93 -2.85 17.99
C TYR B 187 8.80 -1.67 18.21
N GLU B 188 8.69 -1.04 19.40
CA GLU B 188 9.56 0.10 19.73
C GLU B 188 10.85 -0.38 20.41
N LEU B 189 11.02 -1.68 20.68
CA LEU B 189 12.14 -2.17 21.50
C LEU B 189 13.19 -2.79 20.59
N ASP B 190 14.38 -3.04 21.15
CA ASP B 190 15.48 -3.58 20.38
C ASP B 190 16.55 -4.29 21.18
N THR B 191 16.20 -4.71 22.41
CA THR B 191 17.08 -5.52 23.24
C THR B 191 16.34 -6.72 23.75
N PRO B 192 17.07 -7.80 24.01
CA PRO B 192 16.36 -8.97 24.53
C PRO B 192 15.83 -8.72 25.92
N GLU B 193 16.53 -7.97 26.75
CA GLU B 193 16.03 -7.71 28.17
C GLU B 193 14.70 -6.97 28.15
N ALA B 194 14.56 -5.92 27.29
CA ALA B 194 13.33 -5.13 27.26
C ALA B 194 12.20 -5.96 26.68
N LEU B 195 12.51 -6.79 25.66
CA LEU B 195 11.44 -7.62 25.05
C LEU B 195 10.93 -8.66 26.07
N GLN B 196 11.86 -9.29 26.81
CA GLN B 196 11.47 -10.31 27.76
C GLN B 196 10.57 -9.67 28.85
N ALA B 197 10.94 -8.46 29.29
CA ALA B 197 10.16 -7.76 30.35
C ALA B 197 8.79 -7.40 29.80
N LEU B 198 8.70 -6.93 28.56
CA LEU B 198 7.37 -6.55 27.99
C LEU B 198 6.53 -7.81 27.82
N ALA B 199 7.15 -8.94 27.40
CA ALA B 199 6.40 -10.18 27.21
C ALA B 199 5.79 -10.54 28.56
N GLU B 200 6.59 -10.43 29.64
CA GLU B 200 6.07 -10.74 31.03
C GLU B 200 4.92 -9.76 31.44
N ARG B 201 5.03 -8.47 31.11
CA ARG B 201 3.95 -7.48 31.42
C ARG B 201 2.69 -7.88 30.62
N GLU B 202 2.85 -8.28 29.35
CA GLU B 202 1.69 -8.66 28.50
C GLU B 202 1.00 -9.92 29.10
N ARG B 203 1.81 -10.96 29.48
CA ARG B 203 1.28 -12.18 30.08
C ARG B 203 0.58 -11.81 31.37
N ALA B 204 1.31 -11.10 32.24
CA ALA B 204 0.76 -10.80 33.61
C ALA B 204 -0.52 -10.00 33.53
N GLY B 205 -0.59 -9.03 32.62
CA GLY B 205 -1.78 -8.19 32.54
C GLY B 205 -2.96 -8.98 31.95
N CYS B 206 -2.75 -9.83 30.93
CA CYS B 206 -3.90 -10.56 30.38
C CYS B 206 -4.42 -11.54 31.44
N VAL B 207 -3.48 -12.27 32.10
CA VAL B 207 -3.90 -13.23 33.11
C VAL B 207 -4.57 -12.48 34.29
N GLN B 208 -4.07 -11.29 34.66
CA GLN B 208 -4.74 -10.51 35.72
C GLN B 208 -6.20 -10.24 35.36
N ALA B 209 -6.43 -9.85 34.08
CA ALA B 209 -7.83 -9.55 33.69
C ALA B 209 -8.66 -10.83 33.78
N ALA B 210 -8.10 -11.97 33.29
CA ALA B 210 -8.89 -13.25 33.31
C ALA B 210 -9.21 -13.58 34.80
N GLU B 211 -8.19 -13.41 35.64
CA GLU B 211 -8.42 -13.79 37.05
C GLU B 211 -9.47 -12.90 37.74
N ALA B 212 -9.53 -11.64 37.34
CA ALA B 212 -10.57 -10.70 37.90
C ALA B 212 -11.96 -11.18 37.42
N LEU B 213 -12.11 -11.48 36.12
CA LEU B 213 -13.42 -11.95 35.64
C LEU B 213 -13.83 -13.23 36.42
N ARG B 214 -12.88 -14.19 36.51
CA ARG B 214 -13.24 -15.48 37.16
C ARG B 214 -13.51 -15.26 38.67
N ALA B 215 -12.82 -14.30 39.29
CA ALA B 215 -13.08 -13.99 40.74
C ALA B 215 -14.54 -13.45 40.91
N ALA B 216 -15.13 -12.85 39.89
CA ALA B 216 -16.51 -12.36 39.87
C ALA B 216 -17.49 -13.43 39.45
N GLY B 217 -17.04 -14.69 39.25
CA GLY B 217 -17.97 -15.78 38.84
C GLY B 217 -18.23 -15.86 37.36
N LEU B 218 -17.44 -15.10 36.57
CA LEU B 218 -17.70 -15.07 35.10
C LEU B 218 -16.74 -16.05 34.42
N PRO B 219 -17.21 -16.74 33.36
CA PRO B 219 -16.27 -17.65 32.66
C PRO B 219 -15.22 -16.85 31.92
N CYS B 220 -14.03 -17.40 31.83
CA CYS B 220 -12.96 -16.78 31.01
C CYS B 220 -11.99 -17.88 30.62
N PRO B 221 -12.43 -18.84 29.72
CA PRO B 221 -11.54 -20.02 29.58
C PRO B 221 -10.28 -19.74 28.76
N VAL B 222 -10.33 -18.80 27.82
CA VAL B 222 -9.15 -18.55 26.97
C VAL B 222 -8.44 -17.29 27.45
N VAL B 223 -7.11 -17.37 27.48
CA VAL B 223 -6.22 -16.21 27.73
C VAL B 223 -5.33 -16.21 26.52
N SER B 224 -5.38 -15.16 25.66
CA SER B 224 -4.65 -15.11 24.35
C SER B 224 -3.77 -13.90 24.37
N VAL B 225 -2.48 -14.07 24.12
CA VAL B 225 -1.53 -12.92 24.05
C VAL B 225 -0.82 -12.94 22.72
N GLY B 226 -0.15 -11.85 22.39
CA GLY B 226 0.97 -11.99 21.43
C GLY B 226 1.21 -10.85 20.49
N SER B 227 2.48 -10.75 20.13
CA SER B 227 2.99 -10.05 18.98
C SER B 227 4.18 -10.98 18.63
N THR B 228 4.75 -10.86 17.43
CA THR B 228 5.86 -11.74 17.07
C THR B 228 7.02 -11.51 18.07
N PRO B 229 7.41 -10.23 18.34
CA PRO B 229 8.60 -10.10 19.24
C PRO B 229 8.35 -10.72 20.65
N THR B 230 7.16 -10.47 21.23
CA THR B 230 6.93 -11.01 22.61
C THR B 230 6.69 -12.50 22.55
N ALA B 231 6.14 -13.03 21.44
CA ALA B 231 6.03 -14.52 21.35
C ALA B 231 7.40 -15.19 21.44
N LEU B 232 8.37 -14.56 20.74
CA LEU B 232 9.73 -15.11 20.67
C LEU B 232 10.58 -14.85 21.91
N ALA B 233 10.14 -13.89 22.73
CA ALA B 233 10.94 -13.44 23.88
C ALA B 233 10.39 -13.93 25.23
N ALA B 234 9.11 -14.43 25.28
CA ALA B 234 8.51 -14.70 26.60
C ALA B 234 9.33 -15.80 27.29
N SER B 235 9.75 -15.60 28.53
CA SER B 235 10.37 -16.75 29.27
C SER B 235 9.40 -17.76 29.72
N ARG B 236 8.25 -17.29 30.21
CA ARG B 236 7.21 -18.20 30.73
CA ARG B 236 7.21 -18.20 30.71
C ARG B 236 5.85 -17.71 30.24
N LEU B 237 4.90 -18.62 30.12
CA LEU B 237 3.56 -18.25 29.70
C LEU B 237 2.48 -18.81 30.61
N ASP B 238 2.81 -18.93 31.91
CA ASP B 238 1.85 -19.49 32.85
C ASP B 238 0.48 -18.73 32.74
N GLY B 239 -0.65 -19.47 32.68
CA GLY B 239 -1.91 -18.81 32.64
C GLY B 239 -2.40 -18.49 31.26
N VAL B 240 -1.52 -18.62 30.25
CA VAL B 240 -1.89 -18.29 28.86
C VAL B 240 -2.33 -19.54 28.12
N THR B 241 -3.39 -19.48 27.32
CA THR B 241 -3.87 -20.72 26.58
C THR B 241 -3.30 -20.69 25.16
N GLU B 242 -3.16 -19.51 24.54
CA GLU B 242 -2.70 -19.45 23.12
C GLU B 242 -1.90 -18.17 22.98
N VAL B 243 -1.02 -18.21 21.98
CA VAL B 243 -0.30 -17.04 21.50
C VAL B 243 -0.66 -16.80 20.05
N ARG B 244 -0.82 -15.52 19.71
CA ARG B 244 -1.09 -15.08 18.34
C ARG B 244 0.19 -14.37 17.82
N ALA B 245 0.61 -14.77 16.63
CA ALA B 245 1.78 -14.08 16.00
C ALA B 245 1.55 -14.27 14.50
N GLY B 246 1.95 -13.25 13.75
CA GLY B 246 1.69 -13.30 12.27
C GLY B 246 2.93 -12.99 11.45
N VAL B 247 3.63 -11.88 11.71
CA VAL B 247 4.67 -11.43 10.75
C VAL B 247 5.79 -12.44 10.72
N TYR B 248 5.99 -13.21 11.79
CA TYR B 248 7.09 -14.21 11.84
C TYR B 248 7.11 -15.14 10.63
N VAL B 249 5.98 -15.41 9.99
CA VAL B 249 5.95 -16.37 8.92
C VAL B 249 6.97 -15.97 7.84
N PHE B 250 7.09 -14.66 7.62
CA PHE B 250 8.10 -14.16 6.67
C PHE B 250 9.26 -13.43 7.29
N PHE B 251 9.03 -12.73 8.42
CA PHE B 251 9.91 -11.73 8.95
C PHE B 251 10.15 -10.57 7.97
N ASP B 252 10.93 -9.59 8.40
CA ASP B 252 11.18 -8.38 7.66
C ASP B 252 12.26 -7.60 8.32
N LEU B 253 12.64 -6.44 7.76
CA LEU B 253 13.77 -5.71 8.32
C LEU B 253 13.46 -4.99 9.65
N VAL B 254 12.18 -4.62 9.84
CA VAL B 254 11.76 -4.08 11.18
C VAL B 254 12.01 -5.19 12.23
N MET B 255 11.67 -6.45 11.96
CA MET B 255 11.90 -7.56 12.92
CA MET B 255 11.89 -7.55 12.90
C MET B 255 13.39 -7.80 13.10
N ARG B 256 14.17 -7.72 12.03
CA ARG B 256 15.63 -7.86 12.11
C ARG B 256 16.17 -6.78 13.07
N ASN B 257 15.72 -5.52 12.95
CA ASN B 257 16.18 -4.47 13.80
C ASN B 257 15.72 -4.61 15.28
N ILE B 258 14.53 -5.19 15.48
CA ILE B 258 14.06 -5.44 16.85
C ILE B 258 14.97 -6.49 17.47
N GLY B 259 15.51 -7.41 16.65
CA GLY B 259 16.53 -8.37 17.09
C GLY B 259 16.03 -9.78 17.19
N VAL B 260 14.84 -10.06 16.65
CA VAL B 260 14.22 -11.39 16.78
C VAL B 260 14.47 -12.24 15.54
N CYS B 261 15.17 -11.71 14.51
CA CYS B 261 15.57 -12.58 13.41
C CYS B 261 16.81 -11.89 12.80
N ALA B 262 17.41 -12.56 11.83
CA ALA B 262 18.48 -11.94 11.00
C ALA B 262 17.91 -11.68 9.62
N ALA B 263 18.62 -10.88 8.82
CA ALA B 263 18.16 -10.63 7.46
C ALA B 263 18.04 -11.95 6.63
N GLU B 264 18.91 -12.95 6.90
CA GLU B 264 18.85 -14.24 6.25
C GLU B 264 17.62 -15.05 6.63
N ASP B 265 16.83 -14.61 7.66
CA ASP B 265 15.56 -15.31 7.94
C ASP B 265 14.38 -14.69 7.18
N VAL B 266 14.58 -13.59 6.44
CA VAL B 266 13.46 -12.89 5.82
C VAL B 266 13.09 -13.66 4.56
N ALA B 267 11.86 -14.20 4.56
CA ALA B 267 11.39 -15.11 3.51
C ALA B 267 10.74 -14.36 2.34
N LEU B 268 10.38 -13.11 2.53
CA LEU B 268 9.64 -12.37 1.47
C LEU B 268 10.63 -11.33 0.89
N SER B 269 10.73 -11.29 -0.44
CA SER B 269 11.52 -10.27 -1.07
C SER B 269 10.75 -9.82 -2.33
N VAL B 270 11.10 -8.65 -2.84
CA VAL B 270 10.41 -8.15 -4.06
C VAL B 270 11.47 -8.25 -5.17
N LEU B 271 11.15 -8.99 -6.19
CA LEU B 271 12.00 -9.14 -7.40
C LEU B 271 11.83 -7.88 -8.22
N ALA B 272 12.96 -7.24 -8.67
CA ALA B 272 12.89 -5.98 -9.36
C ALA B 272 13.89 -6.02 -10.49
N THR B 273 13.67 -5.22 -11.50
CA THR B 273 14.62 -5.05 -12.59
C THR B 273 15.23 -3.67 -12.60
N VAL B 274 16.55 -3.56 -12.95
CA VAL B 274 17.14 -2.27 -13.15
C VAL B 274 16.69 -1.70 -14.53
N ILE B 275 16.06 -0.51 -14.54
CA ILE B 275 15.55 0.07 -15.74
C ILE B 275 16.26 1.38 -16.14
N GLY B 276 17.25 1.82 -15.35
CA GLY B 276 17.95 3.05 -15.72
C GLY B 276 18.96 3.43 -14.67
N HIS B 277 19.66 4.54 -14.91
CA HIS B 277 20.63 5.08 -13.96
C HIS B 277 20.65 6.60 -13.94
N GLN B 278 21.27 7.17 -12.87
CA GLN B 278 21.85 8.60 -12.92
C GLN B 278 23.29 8.42 -12.44
N ALA B 279 24.21 8.19 -13.36
CA ALA B 279 25.55 7.72 -13.01
C ALA B 279 26.28 8.71 -12.15
N ASP B 280 26.06 10.01 -12.37
CA ASP B 280 26.83 11.01 -11.62
C ASP B 280 26.41 11.12 -10.17
N LYS B 281 25.24 10.56 -9.86
CA LYS B 281 24.77 10.54 -8.49
C LYS B 281 24.93 9.15 -7.90
N GLY B 282 25.41 8.17 -8.63
CA GLY B 282 25.50 6.79 -8.13
C GLY B 282 24.12 6.11 -7.98
N TRP B 283 23.12 6.52 -8.80
CA TRP B 283 21.80 5.89 -8.71
C TRP B 283 21.57 4.84 -9.71
N ALA B 284 21.06 3.67 -9.31
CA ALA B 284 20.39 2.76 -10.28
C ALA B 284 18.89 2.94 -10.04
N ILE B 285 18.09 2.96 -11.11
CA ILE B 285 16.65 3.10 -10.97
C ILE B 285 16.06 1.70 -11.21
N VAL B 286 15.14 1.23 -10.31
CA VAL B 286 14.54 -0.08 -10.48
C VAL B 286 13.04 0.10 -10.61
N ASP B 287 12.37 -0.94 -11.12
CA ASP B 287 10.91 -0.93 -11.30
C ASP B 287 10.10 -1.35 -10.08
N ALA B 288 10.74 -1.37 -8.92
CA ALA B 288 10.04 -1.55 -7.62
C ALA B 288 10.01 -0.16 -6.93
N GLY B 289 8.92 0.62 -7.06
CA GLY B 289 8.76 1.81 -6.28
C GLY B 289 7.94 1.53 -5.03
N TRP B 290 7.26 2.58 -4.51
CA TRP B 290 6.46 2.33 -3.30
C TRP B 290 5.19 1.58 -3.62
N MET B 291 4.77 1.54 -4.91
CA MET B 291 3.59 0.69 -5.17
C MET B 291 3.96 -0.79 -4.97
N ALA B 292 5.21 -1.20 -5.21
CA ALA B 292 5.66 -2.58 -4.92
C ALA B 292 6.03 -2.70 -3.45
N MET B 293 6.85 -1.77 -2.91
CA MET B 293 7.38 -1.97 -1.56
C MET B 293 6.36 -1.57 -0.47
N SER B 294 5.37 -0.76 -0.85
CA SER B 294 4.56 0.01 0.07
C SER B 294 5.33 1.25 0.57
N ARG B 295 4.57 2.20 1.11
CA ARG B 295 5.21 3.36 1.71
C ARG B 295 5.79 3.09 3.14
N ASP B 296 5.70 1.86 3.66
CA ASP B 296 6.17 1.62 5.02
C ASP B 296 7.68 1.96 5.16
N ARG B 297 8.01 2.79 6.18
CA ARG B 297 9.41 3.15 6.43
C ARG B 297 9.69 2.85 7.91
N GLY B 298 9.20 1.70 8.42
CA GLY B 298 9.39 1.42 9.84
C GLY B 298 10.83 1.36 10.29
N THR B 299 11.80 1.08 9.38
CA THR B 299 13.19 1.04 9.82
C THR B 299 13.77 2.43 10.01
N ALA B 300 13.08 3.51 9.58
CA ALA B 300 13.63 4.88 9.62
C ALA B 300 14.02 5.30 11.04
N ARG B 301 13.30 4.86 12.02
CA ARG B 301 13.62 5.30 13.40
C ARG B 301 14.41 4.24 14.18
N GLN B 302 14.73 3.11 13.59
CA GLN B 302 15.38 2.03 14.28
C GLN B 302 16.90 2.18 14.18
N LYS B 303 17.67 1.19 14.65
CA LYS B 303 19.11 1.33 14.74
C LYS B 303 19.76 1.37 13.36
N GLN B 304 19.11 0.82 12.36
CA GLN B 304 19.64 0.83 11.01
C GLN B 304 18.50 1.13 10.00
N ASP B 305 18.63 2.25 9.32
CA ASP B 305 17.59 2.66 8.35
C ASP B 305 17.87 1.99 7.02
N PHE B 306 16.93 1.20 6.52
CA PHE B 306 17.11 0.49 5.23
C PHE B 306 16.37 1.21 4.07
N GLY B 307 15.92 2.45 4.23
CA GLY B 307 15.20 3.18 3.16
C GLY B 307 13.98 2.37 2.81
N TYR B 308 13.70 2.19 1.50
CA TYR B 308 12.60 1.40 1.05
C TYR B 308 12.96 -0.08 0.83
N GLY B 309 14.16 -0.51 1.31
CA GLY B 309 14.44 -1.93 1.34
C GLY B 309 15.92 -2.22 1.15
N GLN B 310 16.33 -3.36 1.66
CA GLN B 310 17.72 -3.82 1.49
C GLN B 310 17.87 -4.55 0.15
N VAL B 311 18.89 -4.15 -0.64
CA VAL B 311 19.12 -4.80 -1.95
C VAL B 311 19.80 -6.17 -1.75
N CYS B 312 19.36 -7.21 -2.44
CA CYS B 312 20.01 -8.50 -2.48
C CYS B 312 20.19 -8.83 -3.94
N ASP B 313 21.11 -9.75 -4.22
CA ASP B 313 21.25 -10.22 -5.61
C ASP B 313 20.10 -11.17 -5.97
N LEU B 314 20.13 -11.68 -7.21
CA LEU B 314 19.10 -12.61 -7.68
C LEU B 314 19.00 -13.86 -6.84
N GLN B 315 20.12 -14.24 -6.22
CA GLN B 315 20.18 -15.47 -5.43
C GLN B 315 19.71 -15.19 -4.00
N GLY B 316 19.35 -13.95 -3.75
CA GLY B 316 18.73 -13.63 -2.49
C GLY B 316 19.72 -13.26 -1.40
N ARG B 317 20.98 -13.11 -1.74
CA ARG B 317 21.99 -12.73 -0.76
C ARG B 317 22.13 -11.22 -0.64
N VAL B 318 22.20 -10.76 0.57
CA VAL B 318 22.30 -9.33 0.80
C VAL B 318 23.53 -8.71 0.13
N MET B 319 23.33 -7.51 -0.44
CA MET B 319 24.42 -6.72 -1.00
C MET B 319 24.67 -5.54 -0.06
N PRO B 320 25.63 -5.74 0.87
CA PRO B 320 25.70 -4.75 1.95
C PRO B 320 25.97 -3.30 1.50
N GLY B 321 25.32 -2.35 2.17
CA GLY B 321 25.48 -0.95 1.78
C GLY B 321 24.66 -0.40 0.65
N PHE B 322 23.92 -1.26 -0.09
CA PHE B 322 22.96 -0.75 -1.10
C PHE B 322 21.55 -0.93 -0.62
N VAL B 323 20.80 0.18 -0.66
CA VAL B 323 19.38 0.08 -0.29
C VAL B 323 18.57 0.89 -1.28
N LEU B 324 17.24 0.84 -1.25
CA LEU B 324 16.45 1.79 -2.05
C LEU B 324 16.39 3.07 -1.18
N THR B 325 17.11 4.10 -1.60
CA THR B 325 17.19 5.29 -0.80
C THR B 325 15.94 6.19 -1.04
N GLY B 326 15.21 5.97 -2.15
CA GLY B 326 14.00 6.76 -2.39
C GLY B 326 13.06 5.91 -3.25
N ALA B 327 11.83 6.38 -3.31
CA ALA B 327 10.84 5.65 -4.13
C ALA B 327 9.76 6.58 -4.57
N ASN B 328 9.38 6.48 -5.85
CA ASN B 328 8.15 7.03 -6.33
C ASN B 328 7.21 5.86 -6.66
N GLN B 329 6.10 6.10 -7.34
CA GLN B 329 5.08 5.05 -7.42
C GLN B 329 5.60 3.78 -8.06
N GLU B 330 6.22 3.93 -9.26
CA GLU B 330 6.72 2.75 -10.00
C GLU B 330 8.24 2.81 -10.26
N HIS B 331 8.96 3.67 -9.55
CA HIS B 331 10.43 3.79 -9.69
C HIS B 331 10.99 3.74 -8.32
N GLY B 332 11.98 2.90 -8.10
CA GLY B 332 12.78 2.91 -6.86
C GLY B 332 14.19 3.44 -7.19
N ILE B 333 14.80 4.18 -6.25
CA ILE B 333 16.14 4.76 -6.42
C ILE B 333 17.05 3.86 -5.58
N LEU B 334 17.92 3.09 -6.19
CA LEU B 334 18.89 2.23 -5.57
C LEU B 334 20.25 3.01 -5.45
N ALA B 335 20.77 3.15 -4.23
CA ALA B 335 21.99 3.97 -4.05
C ALA B 335 22.67 3.52 -2.74
N ARG B 336 23.88 4.03 -2.44
CA ARG B 336 24.54 3.61 -1.20
C ARG B 336 23.79 4.17 0.02
N ALA B 337 23.56 3.31 1.02
CA ALA B 337 22.98 3.77 2.33
C ALA B 337 23.82 4.88 2.95
N ASP B 338 25.13 4.80 2.78
CA ASP B 338 25.99 5.81 3.40
C ASP B 338 26.02 7.19 2.75
N GLY B 339 25.36 7.36 1.60
CA GLY B 339 25.24 8.65 0.99
C GLY B 339 26.41 9.03 0.08
N ALA B 340 27.42 8.16 -0.06
CA ALA B 340 28.40 8.30 -1.17
C ALA B 340 27.72 8.03 -2.52
N ALA B 341 28.33 8.57 -3.58
CA ALA B 341 27.95 8.20 -4.95
C ALA B 341 28.86 7.02 -5.37
N GLU B 342 28.22 5.83 -5.56
CA GLU B 342 28.94 4.66 -6.08
C GLU B 342 29.57 5.11 -7.43
N ALA B 343 30.88 4.86 -7.64
CA ALA B 343 31.44 5.06 -8.99
C ALA B 343 30.89 3.96 -9.95
N ASP B 344 30.73 4.21 -11.25
CA ASP B 344 30.44 3.07 -12.16
C ASP B 344 29.17 2.25 -11.67
N ILE B 345 28.17 2.97 -11.21
CA ILE B 345 26.89 2.33 -10.79
C ILE B 345 26.31 1.48 -11.93
N ALA B 346 26.49 1.93 -13.20
CA ALA B 346 25.99 1.15 -14.35
C ALA B 346 26.71 -0.22 -14.53
N THR B 347 28.00 -0.30 -14.15
CA THR B 347 28.76 -1.58 -14.22
C THR B 347 28.33 -2.45 -13.02
N ARG B 348 28.11 -1.81 -11.86
CA ARG B 348 27.68 -2.61 -10.72
C ARG B 348 26.26 -3.22 -10.90
N PHE B 349 25.39 -2.43 -11.48
CA PHE B 349 23.98 -2.77 -11.69
C PHE B 349 23.57 -2.54 -13.16
N PRO B 350 23.92 -3.46 -14.08
CA PRO B 350 23.61 -3.12 -15.52
C PRO B 350 22.09 -3.10 -15.84
N LEU B 351 21.68 -2.31 -16.83
CA LEU B 351 20.31 -2.32 -17.29
C LEU B 351 19.84 -3.75 -17.48
N GLY B 352 18.63 -4.05 -16.96
CA GLY B 352 18.07 -5.40 -17.05
C GLY B 352 18.47 -6.38 -15.98
N THR B 353 19.42 -6.01 -15.09
CA THR B 353 19.80 -6.83 -13.89
C THR B 353 18.58 -7.02 -12.99
N ARG B 354 18.38 -8.26 -12.57
CA ARG B 354 17.32 -8.57 -11.58
C ARG B 354 17.90 -8.60 -10.19
N LEU B 355 17.19 -8.00 -9.24
CA LEU B 355 17.64 -7.89 -7.82
C LEU B 355 16.45 -8.32 -6.96
N ARG B 356 16.66 -8.55 -5.68
CA ARG B 356 15.55 -8.86 -4.77
C ARG B 356 15.64 -7.84 -3.63
N ILE B 357 14.53 -7.30 -3.21
CA ILE B 357 14.58 -6.25 -2.18
C ILE B 357 13.88 -6.74 -0.92
N LEU B 358 14.58 -6.74 0.21
CA LEU B 358 13.92 -7.15 1.45
C LEU B 358 13.09 -5.97 1.97
N PRO B 359 11.86 -6.25 2.45
CA PRO B 359 10.95 -5.18 2.83
C PRO B 359 11.16 -4.65 4.26
N ASN B 360 10.78 -3.39 4.51
CA ASN B 360 10.67 -2.90 5.90
C ASN B 360 9.61 -3.75 6.65
N HIS B 361 8.42 -3.97 6.09
CA HIS B 361 7.32 -4.48 6.83
C HIS B 361 6.62 -5.47 5.97
N ALA B 362 6.75 -6.78 6.28
CA ALA B 362 6.20 -7.82 5.36
C ALA B 362 4.69 -7.65 5.15
N CYS B 363 3.94 -7.26 6.18
CA CYS B 363 2.46 -7.20 6.07
C CYS B 363 2.11 -6.09 5.05
N ALA B 364 2.87 -4.98 5.12
CA ALA B 364 2.56 -3.81 4.24
C ALA B 364 2.96 -4.11 2.81
N THR B 365 4.19 -4.71 2.61
CA THR B 365 4.63 -5.02 1.21
C THR B 365 3.74 -6.08 0.63
N GLY B 366 3.35 -7.13 1.39
CA GLY B 366 2.58 -8.22 0.78
C GLY B 366 1.23 -7.69 0.24
N ALA B 367 0.64 -6.71 0.93
CA ALA B 367 -0.70 -6.24 0.58
C ALA B 367 -0.70 -5.52 -0.79
N GLN B 368 0.48 -5.12 -1.28
CA GLN B 368 0.58 -4.46 -2.59
CA GLN B 368 0.62 -4.46 -2.59
C GLN B 368 0.44 -5.43 -3.76
N PHE B 369 0.43 -6.73 -3.49
CA PHE B 369 0.42 -7.73 -4.57
C PHE B 369 -0.86 -8.56 -4.57
N PRO B 370 -1.40 -8.85 -5.78
CA PRO B 370 -2.52 -9.78 -5.87
C PRO B 370 -2.10 -11.20 -5.45
N ALA B 371 -0.83 -11.56 -5.54
CA ALA B 371 -0.42 -12.93 -5.31
C ALA B 371 1.05 -12.91 -5.01
N TYR B 372 1.51 -13.96 -4.36
CA TYR B 372 2.94 -14.21 -4.16
C TYR B 372 3.40 -15.22 -5.22
N GLN B 373 4.71 -15.21 -5.45
CA GLN B 373 5.34 -16.28 -6.27
C GLN B 373 6.11 -17.15 -5.26
N ALA B 374 5.60 -18.37 -4.99
CA ALA B 374 6.21 -19.26 -3.96
C ALA B 374 7.36 -20.04 -4.60
N LEU B 375 8.57 -19.72 -4.18
CA LEU B 375 9.81 -20.22 -4.79
C LEU B 375 10.25 -21.51 -4.13
N ALA B 376 10.23 -22.61 -4.89
CA ALA B 376 10.74 -23.90 -4.41
C ALA B 376 12.26 -24.06 -4.54
N ALA B 377 12.84 -25.06 -3.88
CA ALA B 377 14.29 -25.26 -3.87
C ALA B 377 14.79 -25.47 -5.31
N ASP B 378 13.97 -26.02 -6.21
CA ASP B 378 14.39 -26.29 -7.61
C ASP B 378 14.43 -25.00 -8.52
N GLY B 379 14.05 -23.85 -7.96
CA GLY B 379 14.00 -22.59 -8.69
C GLY B 379 12.66 -22.26 -9.37
N SER B 380 11.72 -23.23 -9.37
CA SER B 380 10.35 -23.15 -9.87
C SER B 380 9.54 -22.21 -8.96
N VAL B 381 8.64 -21.37 -9.52
CA VAL B 381 7.69 -20.66 -8.71
C VAL B 381 6.25 -21.10 -8.99
N GLN B 382 5.37 -20.85 -8.00
CA GLN B 382 3.94 -21.10 -8.19
C GLN B 382 3.21 -19.89 -7.72
N THR B 383 2.07 -19.55 -8.33
CA THR B 383 1.39 -18.31 -7.92
C THR B 383 0.46 -18.66 -6.75
N TRP B 384 0.61 -17.93 -5.63
CA TRP B 384 -0.23 -18.10 -4.44
C TRP B 384 -1.01 -16.85 -4.22
N GLU B 385 -2.31 -16.87 -4.56
CA GLU B 385 -3.15 -15.67 -4.45
C GLU B 385 -3.25 -15.22 -2.99
N ARG B 386 -3.50 -13.93 -2.81
CA ARG B 386 -3.82 -13.44 -1.47
C ARG B 386 -4.94 -12.44 -1.59
N LEU B 387 -5.56 -12.08 -0.46
CA LEU B 387 -6.77 -11.23 -0.46
C LEU B 387 -6.38 -9.74 -0.43
N HIS B 388 -7.16 -8.96 -1.18
CA HIS B 388 -7.06 -7.50 -1.18
C HIS B 388 -8.41 -6.92 -0.83
N GLY B 389 -8.40 -5.89 0.03
CA GLY B 389 -9.62 -5.15 0.33
C GLY B 389 -10.45 -5.72 1.47
N TRP B 390 -11.76 -5.43 1.49
CA TRP B 390 -12.63 -5.72 2.62
C TRP B 390 -13.88 -6.40 2.15
N1 PLP C . 4.24 12.26 -15.61
C2 PLP C . 4.91 11.19 -15.10
C2A PLP C . 6.10 10.57 -15.77
C3 PLP C . 4.50 10.65 -13.81
O3 PLP C . 5.13 9.61 -13.34
C4 PLP C . 3.37 11.24 -13.16
C4A PLP C . 2.91 10.60 -11.93
C5 PLP C . 2.73 12.39 -13.79
C6 PLP C . 3.19 12.90 -15.03
C5A PLP C . 1.52 13.04 -13.14
O4P PLP C . 2.00 13.75 -11.92
P PLP C . 0.94 14.28 -10.87
O1P PLP C . -0.11 14.97 -11.68
O2P PLP C . 1.66 15.27 -10.03
O3P PLP C . 0.36 13.11 -10.18
MG MG D . 1.07 10.71 -6.72
C1 GOL E . 5.23 13.64 -0.57
O1 GOL E . 6.07 12.50 -0.19
C2 GOL E . 6.02 14.89 -0.27
O2 GOL E . 6.33 15.05 1.13
C3 GOL E . 5.52 16.28 -0.49
O3 GOL E . 6.81 16.93 -0.22
C1 GOL F . 4.60 12.25 -8.44
O1 GOL F . 3.85 12.24 -9.64
C2 GOL F . 5.97 12.89 -8.37
O2 GOL F . 6.97 12.07 -9.04
C3 GOL F . 6.42 12.68 -6.95
O3 GOL F . 7.27 13.75 -6.61
CL CL G . -0.74 -3.76 12.78
MG MG H . 1.22 -8.25 -16.54
CL CL I . 5.03 8.92 -8.39
N1 PLP J . -2.73 -9.89 17.55
C2 PLP J . -3.36 -8.80 17.05
C2A PLP J . -4.63 -8.28 17.69
C3 PLP J . -2.81 -8.15 15.89
O3 PLP J . -3.44 -7.10 15.38
C4 PLP J . -1.60 -8.69 15.33
C4A PLP J . -1.06 -8.08 14.15
C5 PLP J . -1.00 -9.84 15.92
C6 PLP J . -1.58 -10.37 17.09
C5A PLP J . 0.27 -10.44 15.37
O4P PLP J . 1.40 -9.47 15.61
P PLP J . 2.74 -9.70 14.77
O1P PLP J . 3.01 -11.15 14.94
O2P PLP J . 3.73 -8.85 15.48
O3P PLP J . 2.50 -9.38 13.35
MG MG K . 2.75 -6.03 10.74
C1 GOL L . 9.31 0.21 14.06
O1 GOL L . 9.43 0.80 15.38
C2 GOL L . 7.91 0.17 13.46
O2 GOL L . 6.82 -0.08 14.40
C3 GOL L . 7.69 1.54 13.02
O3 GOL L . 6.60 1.34 12.15
MG MG M . 21.90 14.86 -14.55
MG MG N . -18.20 -6.32 1.49
#